data_8G5S
#
_entry.id   8G5S
#
_cell.length_a   58.784
_cell.length_b   100.908
_cell.length_c   58.836
_cell.angle_alpha   90.00
_cell.angle_beta   102.86
_cell.angle_gamma   90.00
#
_symmetry.space_group_name_H-M   'P 1 21 1'
#
loop_
_entity.id
_entity.type
_entity.pdbx_description
1 polymer TnmJ
2 water water
#
_entity_poly.entity_id   1
_entity_poly.type   'polypeptide(L)'
_entity_poly.pdbx_seq_one_letter_code
;MGSSHHHHHHSSGLVPRGSHMEAQTRGLDMAATEAFAGRFLDDMGGGMVSIMCALGDQLGLFRALAEQGPSGSADLASRT
GLDERYVREWLLCLSSAGYVTVDPGDPDGTGDGGADRFTLPAEHAAVVAFEESPFFMGGASRLVPALAAMSDALVEAFRT
GAGVPQERYPAALYRTMWQMSSSWLNTLLLPQWIPAIDGLAKRLESGAPVAHVGSGGGRALVLLAQAFPNCRCTGYDRLR
LNVERARQEAADAGVTDRVEIVEGDAERLLPATGDHALVMCFDVLHDAPDPAAALRAVRGALAPDGVFLLLESNGADRPA
DNSGSAAAMLYGASVLYSVPASRAAGGAALGLMGLPPGKVRALCAEAGLRSVKRLPSPTPLNALYEIRP
;
_entity_poly.pdbx_strand_id   A,B
#
# COMPACT_ATOMS: atom_id res chain seq x y z
N ASP A 29 10.52 11.15 24.56
CA ASP A 29 9.73 12.21 23.94
C ASP A 29 10.26 12.52 22.54
N MET A 30 11.35 13.28 22.43
CA MET A 30 11.89 13.53 21.10
C MET A 30 12.40 12.24 20.47
N ALA A 31 13.06 11.40 21.25
CA ALA A 31 13.42 10.08 20.76
C ALA A 31 12.19 9.30 20.31
N ALA A 32 11.10 9.44 21.07
CA ALA A 32 9.89 8.70 20.73
C ALA A 32 9.27 9.24 19.44
N THR A 33 9.30 10.55 19.26
CA THR A 33 8.76 11.15 18.04
C THR A 33 9.54 10.68 16.83
N GLU A 34 10.88 10.70 16.93
CA GLU A 34 11.72 10.26 15.83
C GLU A 34 11.55 8.78 15.56
N ALA A 35 11.43 7.97 16.61
CA ALA A 35 11.21 6.53 16.41
C ALA A 35 9.90 6.27 15.68
N PHE A 36 8.83 6.97 16.08
CA PHE A 36 7.56 6.78 15.40
C PHE A 36 7.61 7.28 13.97
N ALA A 37 8.24 8.44 13.72
CA ALA A 37 8.39 8.90 12.36
C ALA A 37 9.09 7.83 11.51
N GLY A 38 10.04 7.12 12.11
CA GLY A 38 10.70 6.05 11.39
C GLY A 38 9.77 4.90 11.07
N ARG A 39 8.94 4.50 12.03
CA ARG A 39 7.97 3.45 11.82
C ARG A 39 6.99 3.83 10.72
N PHE A 40 6.54 5.09 10.73
CA PHE A 40 5.62 5.58 9.71
C PHE A 40 6.24 5.49 8.32
N LEU A 41 7.48 5.96 8.17
CA LEU A 41 8.19 5.84 6.92
C LEU A 41 8.37 4.38 6.50
N ASP A 42 8.72 3.51 7.44
CA ASP A 42 8.86 2.09 7.14
C ASP A 42 7.55 1.52 6.58
N ASP A 43 6.42 1.92 7.16
CA ASP A 43 5.13 1.41 6.72
C ASP A 43 4.76 1.94 5.34
N MET A 44 5.03 3.22 5.06
CA MET A 44 4.82 3.73 3.71
C MET A 44 5.71 3.00 2.71
N GLY A 45 6.97 2.75 3.10
CA GLY A 45 7.87 1.98 2.25
C GLY A 45 7.33 0.58 2.01
N GLY A 46 6.75 -0.02 3.06
CA GLY A 46 6.16 -1.33 2.91
C GLY A 46 4.99 -1.32 1.96
N GLY A 47 4.16 -0.28 2.03
CA GLY A 47 3.10 -0.10 1.06
C GLY A 47 3.61 -0.06 -0.38
N MET A 48 4.64 0.75 -0.63
CA MET A 48 5.19 0.84 -1.98
C MET A 48 5.80 -0.49 -2.42
N VAL A 49 6.55 -1.14 -1.55
CA VAL A 49 7.11 -2.44 -1.89
C VAL A 49 5.99 -3.45 -2.15
N SER A 50 4.89 -3.40 -1.40
CA SER A 50 3.78 -4.31 -1.67
C SER A 50 3.21 -4.08 -3.07
N ILE A 51 3.04 -2.82 -3.47
CA ILE A 51 2.53 -2.53 -4.79
C ILE A 51 3.50 -3.06 -5.84
N MET A 52 4.81 -2.90 -5.60
CA MET A 52 5.81 -3.40 -6.54
C MET A 52 5.77 -4.92 -6.62
N CYS A 53 5.54 -5.58 -5.48
CA CYS A 53 5.44 -7.04 -5.52
C CYS A 53 4.20 -7.49 -6.28
N ALA A 54 3.08 -6.77 -6.15
CA ALA A 54 1.90 -7.15 -6.88
C ALA A 54 2.11 -6.99 -8.37
N LEU A 55 2.71 -5.87 -8.78
CA LEU A 55 3.08 -5.67 -10.17
C LEU A 55 3.98 -6.79 -10.66
N GLY A 56 5.00 -7.14 -9.86
CA GLY A 56 5.94 -8.15 -10.29
C GLY A 56 5.30 -9.49 -10.46
N ASP A 57 4.41 -9.87 -9.55
CA ASP A 57 3.68 -11.13 -9.67
C ASP A 57 2.78 -11.13 -10.91
N GLN A 58 2.06 -10.03 -11.15
CA GLN A 58 1.21 -9.97 -12.34
C GLN A 58 2.03 -10.11 -13.63
N LEU A 59 3.22 -9.56 -13.66
CA LEU A 59 4.08 -9.56 -14.84
C LEU A 59 4.94 -10.81 -14.95
N GLY A 60 4.95 -11.66 -13.93
CA GLY A 60 5.78 -12.85 -13.95
C GLY A 60 7.24 -12.59 -13.66
N LEU A 61 7.58 -11.43 -13.09
CA LEU A 61 8.99 -11.07 -12.97
C LEU A 61 9.70 -11.84 -11.86
N PHE A 62 8.99 -12.22 -10.80
CA PHE A 62 9.67 -12.94 -9.73
C PHE A 62 10.05 -14.36 -10.18
N ARG A 63 9.09 -15.06 -10.79
CA ARG A 63 9.36 -16.40 -11.34
C ARG A 63 10.44 -16.31 -12.40
N ALA A 64 10.40 -15.27 -13.22
CA ALA A 64 11.40 -15.09 -14.27
C ALA A 64 12.79 -14.97 -13.68
N LEU A 65 12.95 -14.14 -12.65
CA LEU A 65 14.25 -13.93 -12.06
C LEU A 65 14.72 -15.18 -11.32
N ALA A 66 13.81 -15.87 -10.65
CA ALA A 66 14.17 -17.12 -9.99
C ALA A 66 14.67 -18.15 -10.98
N GLU A 67 14.01 -18.28 -12.12
CA GLU A 67 14.44 -19.32 -13.06
C GLU A 67 15.69 -18.92 -13.80
N GLN A 68 15.86 -17.63 -14.08
CA GLN A 68 17.03 -17.13 -14.81
C GLN A 68 18.30 -17.19 -13.98
N GLY A 69 18.19 -17.06 -12.67
CA GLY A 69 19.35 -16.87 -11.84
C GLY A 69 19.82 -15.43 -11.85
N PRO A 70 21.00 -15.18 -11.30
CA PRO A 70 21.55 -13.82 -11.26
C PRO A 70 21.50 -13.16 -12.63
N SER A 71 20.94 -11.96 -12.68
CA SER A 71 20.58 -11.34 -13.95
C SER A 71 20.71 -9.83 -13.87
N GLY A 72 21.19 -9.20 -14.96
CA GLY A 72 21.04 -7.77 -15.10
C GLY A 72 19.61 -7.40 -15.48
N SER A 73 19.34 -6.10 -15.41
CA SER A 73 18.02 -5.64 -15.80
C SER A 73 17.74 -5.91 -17.27
N ALA A 74 18.76 -5.75 -18.15
CA ALA A 74 18.51 -6.00 -19.56
C ALA A 74 18.14 -7.46 -19.82
N ASP A 75 18.84 -8.39 -19.18
CA ASP A 75 18.54 -9.79 -19.42
C ASP A 75 17.19 -10.23 -18.83
N LEU A 76 16.80 -9.66 -17.69
CA LEU A 76 15.49 -9.99 -17.16
C LEU A 76 14.39 -9.42 -18.02
N ALA A 77 14.58 -8.18 -18.49
CA ALA A 77 13.61 -7.57 -19.40
C ALA A 77 13.53 -8.37 -20.69
N SER A 78 14.66 -8.81 -21.22
CA SER A 78 14.62 -9.54 -22.48
C SER A 78 13.88 -10.86 -22.33
N ARG A 79 14.11 -11.52 -21.22
CA ARG A 79 13.48 -12.81 -20.98
C ARG A 79 11.96 -12.73 -20.89
N THR A 80 11.44 -11.62 -20.36
CA THR A 80 10.01 -11.44 -20.18
C THR A 80 9.40 -10.62 -21.32
N GLY A 81 10.22 -10.07 -22.20
CA GLY A 81 9.70 -9.20 -23.24
C GLY A 81 9.21 -7.87 -22.72
N LEU A 82 9.75 -7.41 -21.60
CA LEU A 82 9.34 -6.17 -20.99
C LEU A 82 10.39 -5.07 -21.18
N ASP A 83 10.00 -3.85 -20.81
CA ASP A 83 10.83 -2.68 -21.01
C ASP A 83 11.95 -2.61 -19.97
N GLU A 84 13.19 -2.47 -20.43
CA GLU A 84 14.31 -2.55 -19.51
C GLU A 84 14.31 -1.37 -18.52
N ARG A 85 13.92 -0.17 -18.96
CA ARG A 85 14.04 0.97 -18.05
C ARG A 85 13.10 0.78 -16.86
N TYR A 86 11.91 0.28 -17.11
CA TYR A 86 10.94 0.03 -16.04
C TYR A 86 11.40 -1.13 -15.17
N VAL A 87 11.83 -2.24 -15.77
CA VAL A 87 12.32 -3.36 -15.00
C VAL A 87 13.49 -2.94 -14.13
N ARG A 88 14.40 -2.10 -14.65
CA ARG A 88 15.53 -1.64 -13.84
C ARG A 88 15.07 -0.90 -12.58
N GLU A 89 14.12 0.02 -12.72
CA GLU A 89 13.68 0.81 -11.57
C GLU A 89 12.99 -0.09 -10.54
N TRP A 90 12.24 -1.09 -11.02
CA TRP A 90 11.59 -2.08 -10.15
C TRP A 90 12.62 -2.88 -9.38
N LEU A 91 13.67 -3.34 -10.08
CA LEU A 91 14.74 -4.08 -9.42
C LEU A 91 15.41 -3.24 -8.35
N LEU A 92 15.63 -1.95 -8.62
CA LEU A 92 16.31 -1.12 -7.65
C LEU A 92 15.45 -0.87 -6.43
N CYS A 93 14.13 -0.79 -6.60
CA CYS A 93 13.25 -0.79 -5.44
C CYS A 93 13.50 -2.02 -4.59
N LEU A 94 13.49 -3.19 -5.22
CA LEU A 94 13.59 -4.44 -4.49
C LEU A 94 15.00 -4.66 -3.93
N SER A 95 16.04 -4.20 -4.61
CA SER A 95 17.38 -4.31 -4.02
C SER A 95 17.53 -3.36 -2.83
N SER A 96 16.95 -2.15 -2.90
CA SER A 96 16.94 -1.27 -1.74
C SER A 96 16.23 -1.91 -0.56
N ALA A 97 15.15 -2.64 -0.82
CA ALA A 97 14.34 -3.26 0.22
C ALA A 97 14.95 -4.55 0.74
N GLY A 98 15.99 -5.08 0.09
CA GLY A 98 16.59 -6.35 0.45
C GLY A 98 15.80 -7.55 -0.01
N TYR A 99 14.84 -7.37 -0.91
CA TYR A 99 14.09 -8.49 -1.46
C TYR A 99 14.90 -9.25 -2.50
N VAL A 100 15.71 -8.54 -3.27
CA VAL A 100 16.76 -9.12 -4.10
C VAL A 100 18.11 -8.56 -3.62
N THR A 101 19.16 -9.29 -3.93
CA THR A 101 20.51 -8.81 -3.71
C THR A 101 21.09 -8.33 -5.02
N VAL A 102 22.05 -7.40 -4.95
CA VAL A 102 22.66 -6.85 -6.14
C VAL A 102 24.17 -6.82 -5.97
N ASP A 103 24.86 -7.17 -7.06
CA ASP A 103 26.30 -7.07 -7.22
C ASP A 103 26.51 -5.94 -8.21
N PRO A 104 26.95 -4.76 -7.78
CA PRO A 104 27.10 -3.63 -8.71
C PRO A 104 28.10 -3.94 -9.83
N GLY A 105 27.85 -3.37 -11.00
CA GLY A 105 28.66 -3.62 -12.18
C GLY A 105 29.92 -2.79 -12.20
N ASP A 106 30.61 -2.83 -13.34
CA ASP A 106 31.85 -2.08 -13.52
C ASP A 106 31.61 -0.94 -14.50
N PRO A 107 31.13 0.21 -14.04
CA PRO A 107 31.03 1.41 -14.88
C PRO A 107 32.37 2.13 -14.92
N ASP A 108 33.33 1.49 -15.59
CA ASP A 108 34.71 1.98 -15.66
C ASP A 108 35.12 1.98 -17.12
N GLY A 109 35.54 3.14 -17.60
CA GLY A 109 35.89 3.33 -19.00
C GLY A 109 36.02 4.80 -19.36
N GLY A 113 31.01 -6.87 -13.36
CA GLY A 113 30.72 -7.95 -14.30
C GLY A 113 29.95 -7.40 -15.49
N GLY A 114 30.37 -6.22 -15.89
CA GLY A 114 29.56 -5.40 -16.80
C GLY A 114 28.49 -4.61 -16.04
N ALA A 115 27.26 -5.07 -16.11
CA ALA A 115 26.13 -4.38 -15.53
C ALA A 115 25.87 -4.86 -14.11
N ASP A 116 25.07 -4.10 -13.39
CA ASP A 116 24.58 -4.58 -12.09
C ASP A 116 23.89 -5.93 -12.30
N ARG A 117 24.09 -6.84 -11.35
CA ARG A 117 23.52 -8.17 -11.41
C ARG A 117 22.67 -8.40 -10.17
N PHE A 118 21.40 -8.79 -10.36
CA PHE A 118 20.45 -8.98 -9.28
C PHE A 118 20.12 -10.45 -9.12
N THR A 119 19.98 -10.88 -7.87
CA THR A 119 19.66 -12.24 -7.53
C THR A 119 18.49 -12.26 -6.57
N LEU A 120 17.55 -13.16 -6.83
CA LEU A 120 16.47 -13.47 -5.91
C LEU A 120 16.91 -14.69 -5.09
N PRO A 121 17.24 -14.54 -3.81
CA PRO A 121 17.64 -15.70 -3.00
C PRO A 121 16.57 -16.79 -3.04
N ALA A 122 17.03 -18.05 -2.98
CA ALA A 122 16.09 -19.16 -3.00
C ALA A 122 15.04 -19.05 -1.89
N GLU A 123 15.46 -18.62 -0.71
CA GLU A 123 14.55 -18.45 0.42
C GLU A 123 13.52 -17.37 0.15
N HIS A 124 13.87 -16.35 -0.61
CA HIS A 124 12.88 -15.33 -0.98
C HIS A 124 12.00 -15.81 -2.09
N ALA A 125 12.55 -16.56 -3.06
CA ALA A 125 11.74 -17.12 -4.12
C ALA A 125 10.66 -18.05 -3.59
N ALA A 126 10.93 -18.74 -2.51
CA ALA A 126 9.92 -19.62 -1.93
C ALA A 126 8.67 -18.84 -1.51
N VAL A 127 8.84 -17.58 -1.16
CA VAL A 127 7.75 -16.73 -0.70
C VAL A 127 7.11 -15.99 -1.85
N VAL A 128 7.91 -15.43 -2.75
CA VAL A 128 7.35 -14.53 -3.76
C VAL A 128 7.30 -15.09 -5.16
N ALA A 129 7.98 -16.20 -5.47
CA ALA A 129 8.07 -16.65 -6.87
C ALA A 129 7.38 -17.97 -7.18
N PHE A 130 7.44 -18.95 -6.29
CA PHE A 130 7.04 -20.34 -6.61
C PHE A 130 5.72 -20.71 -5.93
N GLU A 131 4.65 -20.78 -6.73
CA GLU A 131 3.36 -21.22 -6.19
C GLU A 131 3.44 -22.58 -5.53
N GLU A 132 4.35 -23.43 -6.00
CA GLU A 132 4.47 -24.79 -5.46
C GLU A 132 5.07 -24.81 -4.08
N SER A 133 5.76 -23.75 -3.67
CA SER A 133 6.29 -23.69 -2.33
C SER A 133 5.15 -23.61 -1.33
N PRO A 134 5.21 -24.36 -0.23
CA PRO A 134 4.26 -24.11 0.87
C PRO A 134 4.40 -22.74 1.47
N PHE A 135 5.48 -22.01 1.15
CA PHE A 135 5.70 -20.68 1.69
C PHE A 135 5.13 -19.58 0.80
N PHE A 136 4.51 -19.93 -0.32
CA PHE A 136 4.16 -18.92 -1.31
C PHE A 136 3.12 -17.95 -0.77
N MET A 137 3.45 -16.65 -0.86
CA MET A 137 2.50 -15.59 -0.53
C MET A 137 2.48 -14.49 -1.57
N GLY A 138 3.17 -14.65 -2.69
CA GLY A 138 3.43 -13.50 -3.55
C GLY A 138 2.19 -12.79 -4.04
N GLY A 139 1.17 -13.57 -4.43
CA GLY A 139 -0.05 -12.97 -4.96
C GLY A 139 -0.80 -12.13 -3.94
N ALA A 140 -0.66 -12.43 -2.66
CA ALA A 140 -1.39 -11.69 -1.64
C ALA A 140 -1.04 -10.22 -1.64
N SER A 141 0.14 -9.86 -2.18
CA SER A 141 0.53 -8.46 -2.14
C SER A 141 -0.48 -7.60 -2.89
N ARG A 142 -1.19 -8.19 -3.85
CA ARG A 142 -2.17 -7.45 -4.64
C ARG A 142 -3.38 -7.03 -3.82
N LEU A 143 -3.58 -7.61 -2.64
CA LEU A 143 -4.61 -7.09 -1.77
C LEU A 143 -4.39 -5.60 -1.44
N VAL A 144 -3.14 -5.14 -1.38
CA VAL A 144 -2.88 -3.74 -1.06
C VAL A 144 -3.41 -2.83 -2.17
N PRO A 145 -2.97 -2.94 -3.43
CA PRO A 145 -3.61 -2.10 -4.47
C PRO A 145 -5.09 -2.37 -4.68
N ALA A 146 -5.53 -3.62 -4.64
CA ALA A 146 -6.93 -3.89 -4.95
C ALA A 146 -7.85 -3.28 -3.90
N LEU A 147 -7.47 -3.34 -2.64
CA LEU A 147 -8.30 -2.72 -1.61
C LEU A 147 -8.03 -1.22 -1.49
N ALA A 148 -6.83 -0.74 -1.80
CA ALA A 148 -6.61 0.71 -1.83
C ALA A 148 -7.58 1.40 -2.78
N ALA A 149 -7.96 0.72 -3.86
CA ALA A 149 -8.87 1.32 -4.83
C ALA A 149 -10.22 1.66 -4.22
N MET A 150 -10.54 1.07 -3.07
CA MET A 150 -11.83 1.29 -2.44
C MET A 150 -11.77 2.42 -1.42
N SER A 151 -10.66 3.13 -1.35
CA SER A 151 -10.52 4.22 -0.37
C SER A 151 -11.62 5.26 -0.52
N ASP A 152 -11.90 5.72 -1.75
CA ASP A 152 -12.96 6.73 -1.92
C ASP A 152 -14.31 6.18 -1.44
N ALA A 153 -14.59 4.92 -1.75
CA ALA A 153 -15.84 4.30 -1.31
C ALA A 153 -15.93 4.28 0.22
N LEU A 154 -14.82 4.01 0.90
CA LEU A 154 -14.89 3.96 2.35
C LEU A 154 -14.92 5.35 2.96
N VAL A 155 -14.29 6.34 2.33
CA VAL A 155 -14.46 7.70 2.82
C VAL A 155 -15.95 8.06 2.84
N GLU A 156 -16.67 7.71 1.80
CA GLU A 156 -18.10 7.93 1.79
C GLU A 156 -18.82 7.09 2.85
N ALA A 157 -18.50 5.79 2.92
CA ALA A 157 -19.25 4.89 3.79
C ALA A 157 -19.04 5.21 5.26
N PHE A 158 -17.83 5.63 5.64
CA PHE A 158 -17.63 6.06 7.01
C PHE A 158 -18.63 7.14 7.40
N ARG A 159 -18.97 8.03 6.46
CA ARG A 159 -19.92 9.11 6.71
C ARG A 159 -21.37 8.62 6.63
N THR A 160 -21.75 7.92 5.56
CA THR A 160 -23.15 7.53 5.40
C THR A 160 -23.54 6.36 6.29
N GLY A 161 -22.59 5.51 6.69
CA GLY A 161 -22.93 4.32 7.40
C GLY A 161 -23.40 3.18 6.53
N ALA A 162 -23.47 3.37 5.21
CA ALA A 162 -23.87 2.28 4.35
C ALA A 162 -22.75 1.26 4.20
N GLY A 163 -23.14 0.06 3.80
CA GLY A 163 -22.21 -0.94 3.32
C GLY A 163 -21.70 -0.60 1.93
N VAL A 164 -20.81 -1.45 1.46
CA VAL A 164 -20.26 -1.39 0.10
C VAL A 164 -20.46 -2.77 -0.50
N PRO A 165 -21.36 -2.95 -1.47
CA PRO A 165 -21.63 -4.30 -1.96
C PRO A 165 -20.41 -4.97 -2.54
N GLN A 166 -20.35 -6.29 -2.37
CA GLN A 166 -19.28 -7.09 -2.95
C GLN A 166 -19.05 -6.78 -4.43
N GLU A 167 -20.11 -6.57 -5.21
CA GLU A 167 -19.92 -6.34 -6.65
C GLU A 167 -19.18 -5.05 -6.97
N ARG A 168 -19.07 -4.13 -6.02
CA ARG A 168 -18.39 -2.88 -6.30
C ARG A 168 -16.87 -3.03 -6.25
N TYR A 169 -16.33 -4.18 -5.74
CA TYR A 169 -14.89 -4.31 -5.59
C TYR A 169 -14.23 -4.66 -6.93
N PRO A 170 -12.95 -4.31 -7.10
CA PRO A 170 -12.26 -4.67 -8.36
C PRO A 170 -12.23 -6.18 -8.59
N ALA A 171 -12.35 -6.59 -9.86
CA ALA A 171 -12.19 -8.00 -10.18
C ALA A 171 -10.84 -8.54 -9.71
N ALA A 172 -9.82 -7.70 -9.72
CA ALA A 172 -8.51 -8.08 -9.21
C ALA A 172 -8.59 -8.60 -7.78
N LEU A 173 -9.50 -8.06 -6.97
CA LEU A 173 -9.62 -8.58 -5.60
C LEU A 173 -10.00 -10.05 -5.62
N TYR A 174 -11.07 -10.39 -6.34
CA TYR A 174 -11.53 -11.78 -6.31
C TYR A 174 -10.56 -12.69 -7.06
N ARG A 175 -9.94 -12.20 -8.13
CA ARG A 175 -8.92 -12.98 -8.81
C ARG A 175 -7.76 -13.28 -7.88
N THR A 176 -7.36 -12.30 -7.06
CA THR A 176 -6.30 -12.53 -6.09
C THR A 176 -6.72 -13.55 -5.05
N MET A 177 -7.97 -13.47 -4.57
CA MET A 177 -8.44 -14.46 -3.61
C MET A 177 -8.40 -15.87 -4.20
N TRP A 178 -8.87 -16.05 -5.44
CA TRP A 178 -8.78 -17.35 -6.09
C TRP A 178 -7.34 -17.81 -6.24
N GLN A 179 -6.44 -16.90 -6.70
CA GLN A 179 -5.03 -17.26 -6.88
C GLN A 179 -4.44 -17.78 -5.59
N MET A 180 -4.63 -17.06 -4.49
CA MET A 180 -4.00 -17.49 -3.24
C MET A 180 -4.65 -18.74 -2.68
N SER A 181 -5.98 -18.84 -2.77
CA SER A 181 -6.65 -20.07 -2.31
C SER A 181 -6.15 -21.27 -3.10
N SER A 182 -6.07 -21.14 -4.42
CA SER A 182 -5.61 -22.26 -5.24
C SER A 182 -4.21 -22.71 -4.81
N SER A 183 -3.33 -21.77 -4.47
CA SER A 183 -1.97 -22.17 -4.10
C SER A 183 -1.94 -23.00 -2.83
N TRP A 184 -2.56 -22.55 -1.74
CA TRP A 184 -2.41 -23.40 -0.56
C TRP A 184 -3.34 -24.63 -0.60
N LEU A 185 -4.45 -24.58 -1.34
CA LEU A 185 -5.27 -25.80 -1.47
C LEU A 185 -4.49 -26.87 -2.19
N ASN A 186 -3.82 -26.49 -3.30
CA ASN A 186 -3.04 -27.47 -4.06
C ASN A 186 -1.94 -28.08 -3.19
N THR A 187 -1.33 -27.28 -2.32
CA THR A 187 -0.27 -27.78 -1.46
C THR A 187 -0.78 -28.65 -0.34
N LEU A 188 -1.93 -28.31 0.24
CA LEU A 188 -2.31 -28.79 1.56
C LEU A 188 -3.52 -29.71 1.59
N LEU A 189 -4.54 -29.46 0.77
CA LEU A 189 -5.82 -30.14 1.00
C LEU A 189 -5.65 -31.67 0.89
N LEU A 190 -5.23 -32.17 -0.27
CA LEU A 190 -5.09 -33.61 -0.45
C LEU A 190 -3.78 -34.15 0.11
N PRO A 191 -2.65 -33.43 0.01
CA PRO A 191 -1.41 -34.00 0.56
C PRO A 191 -1.34 -34.01 2.07
N GLN A 192 -2.04 -33.10 2.76
CA GLN A 192 -1.80 -32.95 4.19
C GLN A 192 -3.07 -32.97 5.04
N TRP A 193 -4.07 -32.15 4.73
CA TRP A 193 -5.23 -32.04 5.60
C TRP A 193 -6.05 -33.31 5.60
N ILE A 194 -6.48 -33.79 4.43
CA ILE A 194 -7.35 -34.97 4.40
C ILE A 194 -6.64 -36.15 5.04
N PRO A 195 -5.39 -36.48 4.70
CA PRO A 195 -4.72 -37.61 5.37
C PRO A 195 -4.57 -37.42 6.87
N ALA A 196 -4.49 -36.18 7.36
CA ALA A 196 -4.28 -35.92 8.78
C ALA A 196 -5.51 -36.15 9.63
N ILE A 197 -6.68 -36.36 9.03
CA ILE A 197 -7.94 -36.38 9.73
C ILE A 197 -8.43 -37.82 9.77
N ASP A 198 -8.60 -38.34 10.99
CA ASP A 198 -8.81 -39.78 11.15
C ASP A 198 -10.05 -40.25 10.41
N GLY A 199 -9.85 -41.26 9.55
CA GLY A 199 -10.91 -41.93 8.83
C GLY A 199 -11.52 -41.18 7.66
N LEU A 200 -11.10 -39.95 7.40
CA LEU A 200 -11.80 -39.12 6.42
C LEU A 200 -11.58 -39.64 5.00
N ALA A 201 -10.34 -39.96 4.66
CA ALA A 201 -10.07 -40.40 3.30
C ALA A 201 -10.87 -41.65 2.97
N LYS A 202 -10.99 -42.57 3.94
CA LYS A 202 -11.74 -43.79 3.67
C LYS A 202 -13.21 -43.50 3.43
N ARG A 203 -13.79 -42.56 4.16
CA ARG A 203 -15.20 -42.19 4.02
C ARG A 203 -15.43 -41.47 2.70
N LEU A 204 -14.48 -40.62 2.30
CA LEU A 204 -14.61 -39.95 1.02
C LEU A 204 -14.49 -40.93 -0.14
N GLU A 205 -13.62 -41.93 -0.03
CA GLU A 205 -13.50 -42.93 -1.08
C GLU A 205 -14.79 -43.73 -1.22
N SER A 206 -15.38 -44.11 -0.10
CA SER A 206 -16.68 -44.79 -0.15
C SER A 206 -17.74 -43.90 -0.77
N GLY A 207 -17.70 -42.61 -0.46
CA GLY A 207 -18.58 -41.65 -1.05
C GLY A 207 -19.60 -41.12 -0.09
N ALA A 208 -19.71 -39.79 -0.01
CA ALA A 208 -20.73 -39.14 0.79
C ALA A 208 -20.85 -37.69 0.33
N PRO A 209 -21.90 -36.99 0.73
CA PRO A 209 -21.99 -35.56 0.40
C PRO A 209 -20.84 -34.77 1.03
N VAL A 210 -20.35 -33.78 0.26
CA VAL A 210 -19.32 -32.84 0.66
C VAL A 210 -19.85 -31.46 0.34
N ALA A 211 -19.68 -30.52 1.27
CA ALA A 211 -20.12 -29.13 1.06
C ALA A 211 -18.96 -28.18 1.29
N HIS A 212 -18.95 -27.08 0.55
CA HIS A 212 -17.98 -26.00 0.75
C HIS A 212 -18.76 -24.69 0.91
N VAL A 213 -18.77 -24.18 2.15
CA VAL A 213 -19.43 -22.92 2.51
C VAL A 213 -18.52 -21.79 2.08
N GLY A 214 -18.99 -20.95 1.17
CA GLY A 214 -18.12 -19.95 0.59
C GLY A 214 -17.16 -20.58 -0.39
N SER A 215 -17.69 -21.23 -1.43
CA SER A 215 -16.86 -22.04 -2.32
C SER A 215 -15.92 -21.21 -3.19
N GLY A 216 -16.13 -19.90 -3.26
CA GLY A 216 -15.12 -19.08 -3.91
C GLY A 216 -14.86 -19.50 -5.34
N GLY A 217 -13.58 -19.62 -5.68
CA GLY A 217 -13.18 -19.98 -7.02
C GLY A 217 -13.39 -21.44 -7.38
N GLY A 218 -13.80 -22.27 -6.43
CA GLY A 218 -14.15 -23.66 -6.71
C GLY A 218 -13.04 -24.68 -6.72
N ARG A 219 -11.80 -24.30 -6.40
CA ARG A 219 -10.70 -25.25 -6.54
C ARG A 219 -10.80 -26.41 -5.55
N ALA A 220 -11.25 -26.14 -4.33
CA ALA A 220 -11.32 -27.19 -3.33
C ALA A 220 -12.27 -28.30 -3.78
N LEU A 221 -13.41 -27.92 -4.35
CA LEU A 221 -14.36 -28.92 -4.81
C LEU A 221 -13.85 -29.67 -6.03
N VAL A 222 -13.14 -29.01 -6.95
CA VAL A 222 -12.54 -29.72 -8.07
C VAL A 222 -11.51 -30.74 -7.56
N LEU A 223 -10.65 -30.34 -6.62
CA LEU A 223 -9.65 -31.27 -6.11
C LEU A 223 -10.32 -32.50 -5.50
N LEU A 224 -11.34 -32.28 -4.69
CA LEU A 224 -12.01 -33.40 -4.03
C LEU A 224 -12.76 -34.26 -5.04
N ALA A 225 -13.43 -33.65 -6.03
CA ALA A 225 -14.22 -34.42 -6.99
C ALA A 225 -13.32 -35.31 -7.84
N GLN A 226 -12.11 -34.83 -8.17
CA GLN A 226 -11.18 -35.65 -8.94
C GLN A 226 -10.65 -36.81 -8.11
N ALA A 227 -10.36 -36.56 -6.82
CA ALA A 227 -9.72 -37.56 -5.97
C ALA A 227 -10.72 -38.58 -5.42
N PHE A 228 -11.96 -38.17 -5.27
CA PHE A 228 -13.00 -38.94 -4.57
C PHE A 228 -14.27 -38.86 -5.40
N PRO A 229 -14.33 -39.57 -6.53
CA PRO A 229 -15.42 -39.37 -7.49
C PRO A 229 -16.78 -39.86 -7.03
N ASN A 230 -16.88 -40.57 -5.92
CA ASN A 230 -18.15 -41.05 -5.41
C ASN A 230 -18.85 -40.02 -4.54
N CYS A 231 -18.22 -38.88 -4.26
CA CYS A 231 -18.85 -37.87 -3.43
C CYS A 231 -19.72 -36.95 -4.27
N ARG A 232 -20.84 -36.52 -3.69
CA ARG A 232 -21.67 -35.47 -4.26
C ARG A 232 -21.23 -34.15 -3.63
N CYS A 233 -20.60 -33.29 -4.41
CA CYS A 233 -20.02 -32.06 -3.92
C CYS A 233 -20.90 -30.87 -4.24
N THR A 234 -21.11 -29.99 -3.25
CA THR A 234 -21.92 -28.79 -3.44
C THR A 234 -21.19 -27.60 -2.84
N GLY A 235 -21.04 -26.55 -3.64
CA GLY A 235 -20.51 -25.28 -3.17
C GLY A 235 -21.65 -24.30 -2.95
N TYR A 236 -21.48 -23.41 -1.99
CA TYR A 236 -22.42 -22.33 -1.67
C TYR A 236 -21.63 -21.03 -1.68
N ASP A 237 -22.12 -20.02 -2.38
CA ASP A 237 -21.49 -18.71 -2.37
C ASP A 237 -22.50 -17.64 -2.68
N ARG A 238 -22.40 -16.52 -1.97
CA ARG A 238 -23.34 -15.42 -2.15
C ARG A 238 -22.99 -14.54 -3.34
N LEU A 239 -21.77 -14.61 -3.85
CA LEU A 239 -21.30 -13.72 -4.91
C LEU A 239 -21.44 -14.39 -6.27
N ARG A 240 -22.20 -13.78 -7.16
CA ARG A 240 -22.42 -14.38 -8.47
C ARG A 240 -21.12 -14.66 -9.21
N LEU A 241 -20.15 -13.74 -9.15
CA LEU A 241 -18.88 -13.97 -9.83
C LEU A 241 -18.24 -15.26 -9.38
N ASN A 242 -18.30 -15.54 -8.08
CA ASN A 242 -17.73 -16.76 -7.54
C ASN A 242 -18.52 -17.98 -7.98
N VAL A 243 -19.85 -17.88 -7.96
CA VAL A 243 -20.70 -18.98 -8.39
C VAL A 243 -20.35 -19.38 -9.81
N GLU A 244 -20.33 -18.42 -10.72
CA GLU A 244 -20.08 -18.80 -12.10
C GLU A 244 -18.62 -19.19 -12.33
N ARG A 245 -17.65 -18.62 -11.58
CA ARG A 245 -16.25 -19.05 -11.72
C ARG A 245 -16.10 -20.50 -11.29
N ALA A 246 -16.70 -20.86 -10.16
CA ALA A 246 -16.58 -22.23 -9.67
C ALA A 246 -17.25 -23.22 -10.62
N ARG A 247 -18.40 -22.85 -11.19
CA ARG A 247 -19.02 -23.71 -12.19
C ARG A 247 -18.11 -23.89 -13.40
N GLN A 248 -17.46 -22.81 -13.83
CA GLN A 248 -16.58 -22.92 -15.00
C GLN A 248 -15.37 -23.78 -14.68
N GLU A 249 -14.84 -23.65 -13.48
CA GLU A 249 -13.70 -24.48 -13.09
C GLU A 249 -14.09 -25.95 -13.08
N ALA A 250 -15.26 -26.28 -12.56
CA ALA A 250 -15.73 -27.66 -12.56
C ALA A 250 -15.90 -28.16 -13.98
N ALA A 251 -16.43 -27.33 -14.86
CA ALA A 251 -16.63 -27.74 -16.25
C ALA A 251 -15.30 -27.98 -16.94
N ASP A 252 -14.35 -27.08 -16.74
CA ASP A 252 -13.05 -27.23 -17.37
C ASP A 252 -12.33 -28.50 -16.90
N ALA A 253 -12.59 -28.94 -15.68
CA ALA A 253 -11.99 -30.14 -15.13
C ALA A 253 -12.79 -31.41 -15.43
N GLY A 254 -13.96 -31.27 -16.05
CA GLY A 254 -14.81 -32.40 -16.39
C GLY A 254 -15.54 -33.01 -15.24
N VAL A 255 -15.80 -32.25 -14.17
CA VAL A 255 -16.42 -32.80 -12.98
C VAL A 255 -17.76 -32.14 -12.67
N THR A 256 -18.41 -31.57 -13.68
CA THR A 256 -19.73 -30.99 -13.47
C THR A 256 -20.72 -32.02 -12.92
N ASP A 257 -20.54 -33.30 -13.26
CA ASP A 257 -21.44 -34.32 -12.75
C ASP A 257 -21.27 -34.59 -11.26
N ARG A 258 -20.19 -34.12 -10.66
CA ARG A 258 -19.86 -34.31 -9.25
C ARG A 258 -19.96 -33.03 -8.45
N VAL A 259 -19.99 -31.86 -9.09
CA VAL A 259 -19.86 -30.58 -8.41
C VAL A 259 -21.02 -29.67 -8.83
N GLU A 260 -21.85 -29.29 -7.86
CA GLU A 260 -22.94 -28.35 -8.03
C GLU A 260 -22.59 -27.09 -7.25
N ILE A 261 -22.91 -25.91 -7.79
CA ILE A 261 -22.75 -24.65 -7.05
C ILE A 261 -24.11 -24.00 -6.87
N VAL A 262 -24.38 -23.54 -5.66
CA VAL A 262 -25.62 -22.88 -5.29
C VAL A 262 -25.32 -21.43 -4.93
N GLU A 263 -26.09 -20.51 -5.49
CA GLU A 263 -25.95 -19.10 -5.19
C GLU A 263 -26.80 -18.75 -3.99
N GLY A 264 -26.17 -18.26 -2.95
CA GLY A 264 -26.91 -17.87 -1.78
C GLY A 264 -26.13 -18.17 -0.52
N ASP A 265 -26.85 -18.16 0.59
CA ASP A 265 -26.31 -18.22 1.94
C ASP A 265 -26.45 -19.65 2.44
N ALA A 266 -25.34 -20.29 2.75
CA ALA A 266 -25.41 -21.69 3.14
C ALA A 266 -26.25 -21.90 4.40
N GLU A 267 -26.31 -20.90 5.29
CA GLU A 267 -27.16 -21.09 6.47
C GLU A 267 -28.59 -21.41 6.07
N ARG A 268 -29.09 -20.80 4.98
CA ARG A 268 -30.44 -21.10 4.52
C ARG A 268 -30.52 -22.31 3.62
N LEU A 269 -29.48 -22.58 2.83
CA LEU A 269 -29.57 -23.54 1.74
C LEU A 269 -28.91 -24.88 1.99
N LEU A 270 -28.05 -25.01 3.02
CA LEU A 270 -27.37 -26.26 3.28
C LEU A 270 -28.32 -27.28 3.93
N PRO A 271 -28.60 -28.42 3.29
CA PRO A 271 -29.66 -29.29 3.81
C PRO A 271 -29.26 -30.02 5.08
N ALA A 272 -30.26 -30.33 5.92
CA ALA A 272 -30.00 -31.03 7.17
C ALA A 272 -30.21 -32.54 6.98
N THR A 273 -29.32 -33.15 6.19
CA THR A 273 -29.44 -34.57 5.85
C THR A 273 -28.54 -35.48 6.66
N GLY A 274 -27.77 -34.93 7.59
CA GLY A 274 -27.03 -35.72 8.55
C GLY A 274 -26.10 -36.74 7.94
N ASP A 275 -25.49 -36.43 6.77
CA ASP A 275 -24.75 -37.42 6.02
C ASP A 275 -23.50 -36.86 5.38
N HIS A 276 -23.19 -35.58 5.55
CA HIS A 276 -22.01 -35.01 4.91
C HIS A 276 -20.76 -35.53 5.61
N ALA A 277 -19.83 -36.06 4.84
CA ALA A 277 -18.57 -36.50 5.42
C ALA A 277 -17.64 -35.32 5.68
N LEU A 278 -17.84 -34.23 4.95
CA LEU A 278 -16.94 -33.10 5.04
C LEU A 278 -17.71 -31.83 4.68
N VAL A 279 -17.55 -30.81 5.50
CA VAL A 279 -18.00 -29.45 5.19
C VAL A 279 -16.80 -28.56 5.41
N MET A 280 -16.47 -27.76 4.41
CA MET A 280 -15.34 -26.83 4.49
C MET A 280 -15.84 -25.40 4.53
N CYS A 281 -15.12 -24.56 5.28
CA CYS A 281 -15.46 -23.14 5.35
C CYS A 281 -14.18 -22.36 5.63
N PHE A 282 -13.66 -21.70 4.60
CA PHE A 282 -12.35 -21.04 4.67
C PHE A 282 -12.53 -19.53 4.59
N ASP A 283 -12.24 -18.83 5.68
CA ASP A 283 -12.15 -17.36 5.68
C ASP A 283 -13.48 -16.67 5.37
N VAL A 284 -14.62 -17.27 5.71
CA VAL A 284 -15.88 -16.60 5.36
C VAL A 284 -16.93 -16.66 6.46
N LEU A 285 -16.73 -17.52 7.47
CA LEU A 285 -17.73 -17.62 8.50
C LEU A 285 -17.91 -16.28 9.20
N HIS A 286 -16.81 -15.53 9.35
CA HIS A 286 -16.87 -14.25 10.07
C HIS A 286 -17.70 -13.22 9.33
N ASP A 287 -18.00 -13.45 8.07
CA ASP A 287 -18.86 -12.54 7.32
C ASP A 287 -20.31 -12.94 7.35
N ALA A 288 -20.64 -14.11 7.91
CA ALA A 288 -22.00 -14.61 7.83
C ALA A 288 -22.96 -13.68 8.58
N PRO A 289 -24.19 -13.52 8.09
CA PRO A 289 -25.16 -12.70 8.82
C PRO A 289 -25.47 -13.22 10.21
N ASP A 290 -25.42 -14.54 10.40
CA ASP A 290 -25.75 -15.15 11.69
C ASP A 290 -24.84 -16.35 11.86
N PRO A 291 -23.62 -16.12 12.33
CA PRO A 291 -22.64 -17.22 12.44
C PRO A 291 -23.17 -18.41 13.20
N ALA A 292 -23.88 -18.15 14.30
CA ALA A 292 -24.47 -19.23 15.06
C ALA A 292 -25.44 -20.02 14.20
N ALA A 293 -26.26 -19.32 13.41
CA ALA A 293 -27.18 -19.99 12.51
C ALA A 293 -26.41 -20.82 11.49
N ALA A 294 -25.31 -20.27 10.96
CA ALA A 294 -24.53 -21.01 9.98
C ALA A 294 -23.95 -22.29 10.58
N LEU A 295 -23.46 -22.22 11.81
CA LEU A 295 -22.95 -23.42 12.46
C LEU A 295 -24.06 -24.44 12.71
N ARG A 296 -25.26 -23.97 13.05
CA ARG A 296 -26.39 -24.89 13.24
C ARG A 296 -26.67 -25.65 11.96
N ALA A 297 -26.58 -24.96 10.82
CA ALA A 297 -26.79 -25.60 9.52
C ALA A 297 -25.68 -26.60 9.23
N VAL A 298 -24.43 -26.25 9.53
CA VAL A 298 -23.35 -27.22 9.38
C VAL A 298 -23.63 -28.45 10.24
N ARG A 299 -24.06 -28.25 11.50
CA ARG A 299 -24.28 -29.39 12.38
C ARG A 299 -25.39 -30.29 11.85
N GLY A 300 -26.42 -29.70 11.23
CA GLY A 300 -27.47 -30.51 10.65
C GLY A 300 -27.04 -31.29 9.42
N ALA A 301 -26.07 -30.77 8.68
CA ALA A 301 -25.63 -31.44 7.47
C ALA A 301 -24.67 -32.60 7.73
N LEU A 302 -23.87 -32.53 8.80
CA LEU A 302 -22.78 -33.46 8.99
C LEU A 302 -23.27 -34.84 9.37
N ALA A 303 -22.55 -35.87 8.91
CA ALA A 303 -22.71 -37.20 9.43
C ALA A 303 -22.21 -37.22 10.87
N PRO A 304 -22.51 -38.28 11.63
CA PRO A 304 -22.07 -38.31 13.03
C PRO A 304 -20.57 -38.30 13.20
N ASP A 305 -19.85 -38.89 12.25
CA ASP A 305 -18.40 -38.83 12.19
C ASP A 305 -17.93 -37.92 11.07
N GLY A 306 -18.76 -36.98 10.65
CA GLY A 306 -18.36 -36.02 9.65
C GLY A 306 -17.45 -34.95 10.22
N VAL A 307 -16.77 -34.25 9.32
CA VAL A 307 -15.72 -33.29 9.68
C VAL A 307 -16.11 -31.92 9.13
N PHE A 308 -16.04 -30.90 9.98
CA PHE A 308 -16.14 -29.48 9.60
C PHE A 308 -14.71 -28.95 9.67
N LEU A 309 -14.18 -28.56 8.52
CA LEU A 309 -12.83 -28.02 8.40
C LEU A 309 -12.97 -26.50 8.27
N LEU A 310 -12.50 -25.76 9.26
CA LEU A 310 -12.75 -24.33 9.38
C LEU A 310 -11.43 -23.57 9.42
N LEU A 311 -11.29 -22.59 8.57
CA LEU A 311 -10.15 -21.67 8.61
C LEU A 311 -10.66 -20.30 8.99
N GLU A 312 -10.11 -19.73 10.06
CA GLU A 312 -10.50 -18.39 10.48
C GLU A 312 -9.24 -17.64 10.91
N SER A 313 -9.39 -16.38 11.27
CA SER A 313 -8.19 -15.64 11.61
C SER A 313 -7.74 -16.00 13.02
N ASN A 314 -6.46 -15.83 13.26
CA ASN A 314 -5.94 -15.96 14.60
C ASN A 314 -5.98 -14.55 15.18
N GLY A 315 -5.93 -14.47 16.48
CA GLY A 315 -5.96 -13.18 17.13
C GLY A 315 -6.57 -13.36 18.50
N ALA A 316 -6.69 -12.23 19.20
CA ALA A 316 -7.04 -12.22 20.60
C ALA A 316 -8.55 -12.39 20.82
N ASP A 317 -8.90 -12.99 21.95
CA ASP A 317 -10.33 -13.11 22.26
C ASP A 317 -10.98 -11.75 22.49
N ARG A 318 -10.22 -10.78 23.02
CA ARG A 318 -10.69 -9.41 23.20
C ARG A 318 -10.10 -8.57 22.08
N PRO A 319 -10.90 -7.92 21.24
CA PRO A 319 -10.30 -7.19 20.10
C PRO A 319 -9.20 -6.25 20.50
N ALA A 320 -9.36 -5.48 21.58
CA ALA A 320 -8.36 -4.50 22.00
C ALA A 320 -7.04 -5.12 22.42
N ASP A 321 -7.00 -6.43 22.64
CA ASP A 321 -5.74 -7.08 22.99
C ASP A 321 -4.94 -7.50 21.77
N ASN A 322 -5.45 -7.28 20.57
CA ASN A 322 -4.71 -7.61 19.37
C ASN A 322 -3.48 -6.73 19.19
N SER A 323 -2.42 -7.32 18.64
CA SER A 323 -1.17 -6.56 18.47
C SER A 323 -0.33 -7.22 17.40
N GLY A 324 0.30 -6.39 16.59
CA GLY A 324 1.29 -6.85 15.62
C GLY A 324 0.86 -6.66 14.18
N SER A 325 1.78 -7.02 13.28
CA SER A 325 1.59 -6.76 11.85
C SER A 325 0.43 -7.54 11.27
N ALA A 326 0.33 -8.82 11.64
CA ALA A 326 -0.74 -9.64 11.09
C ALA A 326 -2.09 -9.06 11.47
N ALA A 327 -2.26 -8.71 12.75
CA ALA A 327 -3.52 -8.11 13.16
C ALA A 327 -3.75 -6.76 12.49
N ALA A 328 -2.72 -5.93 12.34
CA ALA A 328 -2.89 -4.64 11.69
C ALA A 328 -3.28 -4.82 10.22
N MET A 329 -2.61 -5.72 9.52
CA MET A 329 -2.94 -6.02 8.13
C MET A 329 -4.40 -6.45 8.02
N LEU A 330 -4.81 -7.40 8.87
CA LEU A 330 -6.14 -7.98 8.72
C LEU A 330 -7.22 -6.99 9.12
N TYR A 331 -6.96 -6.16 10.14
CA TYR A 331 -7.96 -5.14 10.46
C TYR A 331 -8.08 -4.11 9.35
N GLY A 332 -6.98 -3.74 8.68
CA GLY A 332 -7.10 -2.81 7.57
C GLY A 332 -7.89 -3.40 6.41
N ALA A 333 -7.67 -4.67 6.10
CA ALA A 333 -8.48 -5.33 5.09
C ALA A 333 -9.92 -5.45 5.55
N SER A 334 -10.15 -5.60 6.84
CA SER A 334 -11.48 -5.66 7.41
C SER A 334 -12.23 -4.35 7.19
N VAL A 335 -11.56 -3.22 7.41
CA VAL A 335 -12.16 -1.92 7.14
C VAL A 335 -12.55 -1.80 5.66
N LEU A 336 -11.64 -2.21 4.77
CA LEU A 336 -11.82 -1.94 3.36
C LEU A 336 -12.78 -2.93 2.68
N TYR A 337 -12.89 -4.15 3.21
CA TYR A 337 -13.72 -5.18 2.58
C TYR A 337 -14.67 -5.89 3.53
N SER A 338 -14.14 -6.62 4.50
CA SER A 338 -15.00 -7.54 5.25
C SER A 338 -16.18 -6.84 5.89
N VAL A 339 -15.94 -5.75 6.61
CA VAL A 339 -17.03 -5.05 7.29
C VAL A 339 -17.96 -4.38 6.28
N PRO A 340 -17.50 -3.54 5.35
CA PRO A 340 -18.48 -2.90 4.44
C PRO A 340 -19.27 -3.87 3.59
N ALA A 341 -18.64 -4.93 3.10
CA ALA A 341 -19.34 -5.87 2.23
C ALA A 341 -20.33 -6.73 3.01
N SER A 342 -20.07 -6.98 4.27
CA SER A 342 -21.00 -7.77 5.07
C SER A 342 -22.17 -6.92 5.52
N ARG A 343 -21.93 -5.65 5.80
CA ARG A 343 -23.01 -4.72 6.08
C ARG A 343 -23.94 -4.59 4.88
N ALA A 344 -23.37 -4.43 3.68
CA ALA A 344 -24.21 -4.24 2.51
C ALA A 344 -25.15 -5.42 2.29
N ALA A 345 -24.74 -6.62 2.70
CA ALA A 345 -25.62 -7.78 2.67
C ALA A 345 -26.46 -7.92 3.95
N GLY A 346 -26.52 -6.87 4.77
CA GLY A 346 -27.25 -6.90 6.02
C GLY A 346 -26.72 -7.86 7.06
N GLY A 347 -25.46 -8.30 6.93
CA GLY A 347 -24.88 -9.27 7.84
C GLY A 347 -24.38 -8.67 9.14
N ALA A 348 -23.83 -9.53 9.99
CA ALA A 348 -23.41 -9.16 11.33
C ALA A 348 -22.13 -8.34 11.35
N ALA A 349 -21.40 -8.32 10.25
CA ALA A 349 -20.24 -7.46 10.07
C ALA A 349 -19.24 -7.61 11.22
N LEU A 350 -18.96 -8.86 11.59
CA LEU A 350 -17.97 -9.12 12.64
C LEU A 350 -16.58 -8.74 12.18
N GLY A 351 -16.34 -8.71 10.88
CA GLY A 351 -15.05 -8.37 10.32
C GLY A 351 -14.08 -9.54 10.31
N LEU A 352 -12.94 -9.29 9.70
CA LEU A 352 -11.97 -10.34 9.41
C LEU A 352 -11.38 -10.93 10.68
N MET A 353 -11.32 -10.15 11.76
CA MET A 353 -10.76 -10.59 13.04
C MET A 353 -11.87 -11.01 14.00
N GLY A 354 -13.10 -11.15 13.50
CA GLY A 354 -14.25 -11.27 14.37
C GLY A 354 -14.55 -12.63 14.95
N LEU A 355 -13.85 -13.67 14.52
CA LEU A 355 -14.02 -15.01 15.06
C LEU A 355 -12.70 -15.62 15.50
N PRO A 356 -12.12 -15.09 16.58
CA PRO A 356 -10.90 -15.69 17.14
C PRO A 356 -11.20 -17.01 17.82
N PRO A 357 -10.15 -17.76 18.21
CA PRO A 357 -10.39 -19.12 18.70
C PRO A 357 -11.40 -19.22 19.83
N GLY A 358 -11.35 -18.35 20.82
CA GLY A 358 -12.30 -18.46 21.91
C GLY A 358 -13.74 -18.32 21.44
N LYS A 359 -13.98 -17.44 20.45
CA LYS A 359 -15.31 -17.26 19.93
C LYS A 359 -15.73 -18.44 19.06
N VAL A 360 -14.81 -18.97 18.24
CA VAL A 360 -15.11 -20.20 17.53
C VAL A 360 -15.52 -21.31 18.51
N ARG A 361 -14.75 -21.47 19.58
CA ARG A 361 -15.04 -22.56 20.51
C ARG A 361 -16.37 -22.35 21.21
N ALA A 362 -16.69 -21.11 21.59
CA ALA A 362 -17.97 -20.85 22.24
C ALA A 362 -19.13 -21.09 21.29
N LEU A 363 -19.02 -20.60 20.04
CA LEU A 363 -20.10 -20.77 19.09
C LEU A 363 -20.29 -22.23 18.72
N CYS A 364 -19.20 -22.98 18.57
CA CYS A 364 -19.32 -24.40 18.24
C CYS A 364 -19.96 -25.20 19.38
N ALA A 365 -19.57 -24.92 20.62
CA ALA A 365 -20.19 -25.60 21.74
C ALA A 365 -21.69 -25.35 21.76
N GLU A 366 -22.09 -24.09 21.49
CA GLU A 366 -23.51 -23.73 21.49
C GLU A 366 -24.26 -24.48 20.39
N ALA A 367 -23.61 -24.71 19.26
CA ALA A 367 -24.25 -25.32 18.11
C ALA A 367 -24.26 -26.84 18.15
N GLY A 368 -23.63 -27.46 19.14
CA GLY A 368 -23.56 -28.91 19.19
C GLY A 368 -22.38 -29.52 18.48
N LEU A 369 -21.35 -28.74 18.16
CA LEU A 369 -20.12 -29.25 17.56
C LEU A 369 -19.11 -29.35 18.70
N ARG A 370 -19.01 -30.54 19.30
CA ARG A 370 -18.39 -30.65 20.61
C ARG A 370 -16.89 -30.88 20.57
N SER A 371 -16.33 -31.27 19.43
CA SER A 371 -14.92 -31.58 19.31
C SER A 371 -14.31 -30.50 18.42
N VAL A 372 -13.46 -29.67 19.00
CA VAL A 372 -12.80 -28.58 18.29
C VAL A 372 -11.31 -28.78 18.50
N LYS A 373 -10.60 -29.08 17.44
CA LYS A 373 -9.17 -29.29 17.52
C LYS A 373 -8.46 -28.43 16.48
N ARG A 374 -7.36 -27.81 16.88
CA ARG A 374 -6.55 -27.07 15.96
C ARG A 374 -5.70 -28.01 15.11
N LEU A 375 -5.50 -27.63 13.86
CA LEU A 375 -4.56 -28.27 12.97
C LEU A 375 -3.47 -27.28 12.57
N PRO A 376 -2.30 -27.75 12.18
CA PRO A 376 -1.28 -26.83 11.67
C PRO A 376 -1.85 -25.95 10.56
N SER A 377 -1.64 -24.61 10.71
CA SER A 377 -2.26 -23.65 9.81
C SER A 377 -1.37 -23.36 8.60
N PRO A 378 -1.98 -23.01 7.47
CA PRO A 378 -1.18 -22.64 6.29
C PRO A 378 -0.36 -21.37 6.47
N THR A 379 -0.84 -20.43 7.28
CA THR A 379 -0.16 -19.18 7.58
C THR A 379 -0.27 -18.94 9.07
N PRO A 380 0.62 -18.13 9.65
CA PRO A 380 0.37 -17.64 11.01
C PRO A 380 -0.85 -16.73 11.09
N LEU A 381 -1.28 -16.17 9.94
CA LEU A 381 -2.45 -15.32 9.90
C LEU A 381 -3.72 -16.04 10.38
N ASN A 382 -3.79 -17.35 10.20
CA ASN A 382 -5.03 -18.10 10.34
C ASN A 382 -4.93 -19.17 11.43
N ALA A 383 -6.11 -19.58 11.91
CA ALA A 383 -6.28 -20.79 12.71
C ALA A 383 -7.09 -21.79 11.90
N LEU A 384 -6.66 -23.05 11.89
CA LEU A 384 -7.32 -24.14 11.17
C LEU A 384 -7.88 -25.10 12.20
N TYR A 385 -9.12 -25.51 12.02
CA TYR A 385 -9.80 -26.38 12.97
C TYR A 385 -10.37 -27.61 12.27
N GLU A 386 -10.23 -28.76 12.95
CA GLU A 386 -10.99 -29.97 12.65
C GLU A 386 -12.08 -30.04 13.71
N ILE A 387 -13.33 -29.93 13.27
CA ILE A 387 -14.48 -29.80 14.15
C ILE A 387 -15.42 -30.96 13.86
N ARG A 388 -15.91 -31.60 14.91
CA ARG A 388 -16.81 -32.73 14.75
C ARG A 388 -17.97 -32.63 15.73
N PRO A 389 -19.12 -33.23 15.41
CA PRO A 389 -20.29 -33.18 16.30
C PRO A 389 -20.00 -33.68 17.72
N GLY B 27 19.48 -27.41 0.37
CA GLY B 27 18.08 -27.18 0.65
C GLY B 27 17.87 -25.72 1.02
N LEU B 28 16.66 -25.38 1.44
CA LEU B 28 16.39 -24.02 1.88
C LEU B 28 16.76 -23.85 3.35
N ASP B 29 17.35 -22.71 3.66
CA ASP B 29 17.52 -22.28 5.05
C ASP B 29 16.15 -21.87 5.58
N MET B 30 15.59 -22.70 6.47
CA MET B 30 14.22 -22.46 6.93
C MET B 30 14.12 -21.18 7.74
N ALA B 31 15.11 -20.90 8.60
CA ALA B 31 15.03 -19.71 9.43
C ALA B 31 15.06 -18.44 8.58
N ALA B 32 15.85 -18.44 7.51
CA ALA B 32 15.89 -17.27 6.62
C ALA B 32 14.62 -17.16 5.80
N THR B 33 14.02 -18.30 5.42
CA THR B 33 12.73 -18.26 4.72
C THR B 33 11.64 -17.70 5.62
N GLU B 34 11.56 -18.21 6.85
CA GLU B 34 10.57 -17.69 7.79
C GLU B 34 10.81 -16.22 8.10
N ALA B 35 12.07 -15.81 8.21
CA ALA B 35 12.35 -14.40 8.48
C ALA B 35 11.92 -13.52 7.33
N PHE B 36 12.19 -13.95 6.09
CA PHE B 36 11.76 -13.15 4.96
C PHE B 36 10.23 -13.13 4.86
N ALA B 37 9.57 -14.27 5.05
CA ALA B 37 8.11 -14.27 5.08
C ALA B 37 7.59 -13.26 6.09
N GLY B 38 8.29 -13.14 7.23
CA GLY B 38 7.89 -12.15 8.22
C GLY B 38 8.03 -10.72 7.73
N ARG B 39 9.12 -10.42 7.02
CA ARG B 39 9.32 -9.10 6.46
C ARG B 39 8.26 -8.78 5.42
N PHE B 40 7.93 -9.77 4.59
CA PHE B 40 6.89 -9.61 3.56
C PHE B 40 5.53 -9.28 4.19
N LEU B 41 5.16 -10.02 5.23
CA LEU B 41 3.93 -9.72 5.96
C LEU B 41 3.98 -8.35 6.64
N ASP B 42 5.13 -8.00 7.23
CA ASP B 42 5.27 -6.67 7.82
C ASP B 42 5.01 -5.57 6.79
N ASP B 43 5.48 -5.80 5.54
CA ASP B 43 5.33 -4.79 4.50
C ASP B 43 3.89 -4.71 4.01
N MET B 44 3.22 -5.86 3.88
CA MET B 44 1.80 -5.82 3.55
C MET B 44 1.02 -5.12 4.64
N GLY B 45 1.35 -5.41 5.91
CA GLY B 45 0.72 -4.68 7.00
C GLY B 45 0.98 -3.18 6.93
N GLY B 46 2.19 -2.81 6.52
CA GLY B 46 2.49 -1.38 6.39
C GLY B 46 1.66 -0.74 5.31
N GLY B 47 1.46 -1.46 4.20
CA GLY B 47 0.58 -0.97 3.16
C GLY B 47 -0.83 -0.73 3.65
N MET B 48 -1.37 -1.70 4.39
CA MET B 48 -2.73 -1.53 4.92
C MET B 48 -2.80 -0.39 5.92
N VAL B 49 -1.84 -0.30 6.82
CA VAL B 49 -1.80 0.82 7.76
C VAL B 49 -1.69 2.14 7.03
N SER B 50 -0.91 2.19 5.94
CA SER B 50 -0.79 3.44 5.18
C SER B 50 -2.13 3.86 4.60
N ILE B 51 -2.88 2.90 4.05
CA ILE B 51 -4.21 3.20 3.52
C ILE B 51 -5.09 3.70 4.64
N MET B 52 -4.98 3.10 5.83
CA MET B 52 -5.82 3.55 6.93
C MET B 52 -5.44 4.95 7.36
N CYS B 53 -4.15 5.26 7.33
CA CYS B 53 -3.72 6.61 7.70
C CYS B 53 -4.21 7.64 6.70
N ALA B 54 -4.18 7.31 5.40
CA ALA B 54 -4.70 8.24 4.40
C ALA B 54 -6.20 8.48 4.59
N LEU B 55 -6.95 7.42 4.84
CA LEU B 55 -8.37 7.54 5.15
C LEU B 55 -8.56 8.42 6.37
N GLY B 56 -7.78 8.18 7.42
CA GLY B 56 -7.96 8.92 8.66
C GLY B 56 -7.67 10.39 8.46
N ASP B 57 -6.64 10.71 7.68
CA ASP B 57 -6.31 12.11 7.39
C ASP B 57 -7.44 12.77 6.61
N GLN B 58 -7.97 12.10 5.59
CA GLN B 58 -9.06 12.67 4.80
C GLN B 58 -10.28 12.95 5.65
N LEU B 59 -10.58 12.08 6.61
CA LEU B 59 -11.79 12.19 7.43
C LEU B 59 -11.58 13.02 8.70
N GLY B 60 -10.35 13.45 8.95
CA GLY B 60 -10.02 14.27 10.11
C GLY B 60 -9.95 13.51 11.40
N LEU B 61 -9.80 12.18 11.35
CA LEU B 61 -9.92 11.38 12.56
C LEU B 61 -8.71 11.52 13.48
N PHE B 62 -7.50 11.69 12.93
CA PHE B 62 -6.33 11.85 13.78
C PHE B 62 -6.40 13.17 14.54
N ARG B 63 -6.73 14.26 13.87
CA ARG B 63 -6.79 15.55 14.57
C ARG B 63 -7.89 15.52 15.62
N ALA B 64 -9.04 14.90 15.30
CA ALA B 64 -10.11 14.79 16.28
C ALA B 64 -9.67 14.00 17.51
N LEU B 65 -9.00 12.88 17.29
CA LEU B 65 -8.60 12.04 18.41
C LEU B 65 -7.56 12.77 19.26
N ALA B 66 -6.62 13.46 18.62
CA ALA B 66 -5.60 14.22 19.33
C ALA B 66 -6.21 15.32 20.17
N GLU B 67 -7.14 16.08 19.58
CA GLU B 67 -7.67 17.25 20.27
C GLU B 67 -8.62 16.84 21.38
N GLN B 68 -9.39 15.76 21.18
CA GLN B 68 -10.34 15.33 22.19
C GLN B 68 -9.71 14.59 23.34
N GLY B 69 -8.54 13.99 23.14
CA GLY B 69 -7.94 13.16 24.14
C GLY B 69 -8.47 11.74 24.09
N PRO B 70 -8.18 10.95 25.12
CA PRO B 70 -8.61 9.54 25.13
C PRO B 70 -10.10 9.40 24.86
N SER B 71 -10.45 8.53 23.91
CA SER B 71 -11.81 8.46 23.40
C SER B 71 -12.19 7.04 23.05
N GLY B 72 -13.46 6.69 23.28
CA GLY B 72 -14.03 5.52 22.70
C GLY B 72 -14.35 5.69 21.22
N SER B 73 -14.57 4.55 20.56
CA SER B 73 -14.97 4.61 19.16
C SER B 73 -16.29 5.35 18.98
N ALA B 74 -17.23 5.16 19.91
CA ALA B 74 -18.52 5.84 19.78
C ALA B 74 -18.37 7.35 19.85
N ASP B 75 -17.62 7.84 20.84
CA ASP B 75 -17.44 9.28 20.99
C ASP B 75 -16.68 9.86 19.80
N LEU B 76 -15.63 9.17 19.34
CA LEU B 76 -14.88 9.69 18.21
C LEU B 76 -15.73 9.75 16.97
N ALA B 77 -16.49 8.69 16.69
CA ALA B 77 -17.38 8.68 15.54
C ALA B 77 -18.40 9.80 15.65
N SER B 78 -19.03 9.95 16.82
CA SER B 78 -20.09 10.94 16.94
C SER B 78 -19.55 12.34 16.75
N ARG B 79 -18.36 12.62 17.28
CA ARG B 79 -17.73 13.93 17.16
C ARG B 79 -17.35 14.26 15.72
N THR B 80 -17.05 13.27 14.90
CA THR B 80 -16.59 13.51 13.54
C THR B 80 -17.70 13.33 12.51
N GLY B 81 -18.91 13.01 12.95
CA GLY B 81 -20.00 12.80 12.01
C GLY B 81 -19.93 11.51 11.26
N LEU B 82 -19.31 10.49 11.85
CA LEU B 82 -19.06 9.21 11.21
C LEU B 82 -19.73 8.06 11.94
N ASP B 83 -19.65 6.87 11.34
CA ASP B 83 -20.31 5.67 11.87
C ASP B 83 -19.38 4.91 12.81
N GLU B 84 -19.90 4.60 14.01
CA GLU B 84 -19.08 3.95 15.04
C GLU B 84 -18.48 2.61 14.58
N ARG B 85 -19.23 1.78 13.86
CA ARG B 85 -18.70 0.46 13.50
C ARG B 85 -17.46 0.60 12.63
N TYR B 86 -17.47 1.51 11.66
CA TYR B 86 -16.30 1.72 10.82
C TYR B 86 -15.14 2.35 11.61
N VAL B 87 -15.42 3.37 12.41
CA VAL B 87 -14.37 4.00 13.19
C VAL B 87 -13.74 3.00 14.14
N ARG B 88 -14.55 2.11 14.73
CA ARG B 88 -14.03 1.08 15.63
C ARG B 88 -13.01 0.18 14.93
N GLU B 89 -13.36 -0.32 13.73
CA GLU B 89 -12.46 -1.24 13.04
C GLU B 89 -11.17 -0.51 12.63
N TRP B 90 -11.28 0.77 12.29
CA TRP B 90 -10.11 1.60 11.98
C TRP B 90 -9.22 1.77 13.20
N LEU B 91 -9.83 2.09 14.35
CA LEU B 91 -9.09 2.21 15.60
C LEU B 91 -8.39 0.91 15.96
N LEU B 92 -9.05 -0.24 15.76
CA LEU B 92 -8.42 -1.51 16.11
C LEU B 92 -7.23 -1.82 15.21
N CYS B 93 -7.31 -1.47 13.92
CA CYS B 93 -6.14 -1.56 13.07
C CYS B 93 -4.98 -0.77 13.67
N LEU B 94 -5.24 0.49 14.03
CA LEU B 94 -4.17 1.35 14.51
C LEU B 94 -3.71 0.97 15.91
N SER B 95 -4.58 0.41 16.75
CA SER B 95 -4.10 -0.04 18.07
C SER B 95 -3.27 -1.32 17.92
N SER B 96 -3.68 -2.22 17.02
CA SER B 96 -2.84 -3.37 16.70
C SER B 96 -1.47 -2.94 16.20
N ALA B 97 -1.42 -1.88 15.40
CA ALA B 97 -0.18 -1.39 14.83
C ALA B 97 0.65 -0.57 15.80
N GLY B 98 0.12 -0.23 16.96
CA GLY B 98 0.79 0.64 17.92
C GLY B 98 0.80 2.09 17.56
N TYR B 99 -0.02 2.53 16.59
CA TYR B 99 -0.13 3.94 16.27
C TYR B 99 -0.98 4.68 17.30
N VAL B 100 -2.01 4.02 17.82
CA VAL B 100 -2.77 4.50 18.97
C VAL B 100 -2.61 3.47 20.08
N THR B 101 -2.79 3.90 21.32
CA THR B 101 -2.80 2.97 22.43
C THR B 101 -4.25 2.77 22.86
N VAL B 102 -4.51 1.63 23.50
CA VAL B 102 -5.86 1.34 23.96
C VAL B 102 -5.85 0.84 25.39
N ASP B 103 -6.81 1.35 26.17
CA ASP B 103 -7.10 0.96 27.55
C ASP B 103 -8.41 0.19 27.47
N PRO B 104 -8.40 -1.13 27.49
CA PRO B 104 -9.64 -1.89 27.34
C PRO B 104 -10.64 -1.58 28.46
N GLY B 105 -11.93 -1.69 28.10
CA GLY B 105 -12.98 -1.53 29.09
C GLY B 105 -13.65 -2.82 29.50
N ASP B 106 -14.94 -2.73 29.85
CA ASP B 106 -15.88 -3.80 30.17
C ASP B 106 -15.62 -4.47 31.51
N PRO B 107 -15.60 -3.72 32.61
CA PRO B 107 -15.74 -4.35 33.92
C PRO B 107 -17.22 -4.47 34.30
N ASP B 108 -17.96 -5.25 33.51
CA ASP B 108 -19.39 -5.44 33.67
C ASP B 108 -19.77 -6.93 33.63
N GLY B 113 -13.93 2.14 33.81
CA GLY B 113 -14.00 2.47 32.39
C GLY B 113 -14.75 1.41 31.60
N GLY B 114 -15.90 1.79 31.05
CA GLY B 114 -16.82 0.83 30.46
C GLY B 114 -16.47 0.33 29.07
N ALA B 115 -16.19 1.25 28.16
CA ALA B 115 -15.82 0.92 26.79
C ALA B 115 -14.30 1.06 26.64
N ASP B 116 -13.77 0.42 25.61
CA ASP B 116 -12.36 0.64 25.26
C ASP B 116 -12.13 2.12 25.03
N ARG B 117 -10.97 2.62 25.46
CA ARG B 117 -10.61 4.02 25.25
C ARG B 117 -9.29 4.08 24.50
N PHE B 118 -9.25 4.83 23.41
CA PHE B 118 -8.07 4.94 22.56
C PHE B 118 -7.41 6.30 22.70
N THR B 119 -6.06 6.32 22.64
CA THR B 119 -5.29 7.55 22.77
C THR B 119 -4.30 7.63 21.61
N LEU B 120 -4.20 8.81 21.00
CA LEU B 120 -3.12 9.09 20.06
C LEU B 120 -2.03 9.81 20.85
N PRO B 121 -0.89 9.17 21.15
CA PRO B 121 0.18 9.87 21.88
C PRO B 121 0.59 11.17 21.19
N ALA B 122 0.98 12.17 21.99
CA ALA B 122 1.40 13.44 21.41
C ALA B 122 2.56 13.26 20.43
N GLU B 123 3.50 12.36 20.74
CA GLU B 123 4.61 12.08 19.85
C GLU B 123 4.13 11.56 18.50
N HIS B 124 3.03 10.82 18.50
CA HIS B 124 2.50 10.30 17.25
C HIS B 124 1.65 11.34 16.54
N ALA B 125 0.91 12.13 17.31
CA ALA B 125 0.12 13.20 16.71
C ALA B 125 1.00 14.21 15.98
N ALA B 126 2.23 14.39 16.46
CA ALA B 126 3.14 15.31 15.79
C ALA B 126 3.45 14.84 14.37
N VAL B 127 3.32 13.54 14.12
CA VAL B 127 3.61 12.98 12.80
C VAL B 127 2.35 12.86 11.97
N VAL B 128 1.24 12.41 12.53
CA VAL B 128 0.07 12.09 11.72
C VAL B 128 -1.10 13.04 11.89
N ALA B 129 -1.10 13.92 12.89
CA ALA B 129 -2.31 14.71 13.12
C ALA B 129 -2.19 16.20 12.80
N PHE B 130 -1.07 16.84 13.10
CA PHE B 130 -0.98 18.30 13.11
C PHE B 130 -0.09 18.80 11.97
N GLU B 131 -0.71 19.38 10.94
CA GLU B 131 0.05 19.92 9.80
C GLU B 131 1.01 21.01 10.23
N GLU B 132 0.75 21.65 11.37
CA GLU B 132 1.60 22.69 11.90
C GLU B 132 2.88 22.14 12.55
N SER B 133 2.94 20.84 12.83
CA SER B 133 4.16 20.27 13.37
C SER B 133 5.23 20.16 12.29
N PRO B 134 6.50 20.43 12.61
CA PRO B 134 7.58 20.14 11.67
C PRO B 134 7.76 18.67 11.39
N PHE B 135 7.18 17.80 12.20
CA PHE B 135 7.27 16.37 11.99
C PHE B 135 6.13 15.82 11.15
N PHE B 136 5.19 16.67 10.73
CA PHE B 136 3.98 16.18 10.07
C PHE B 136 4.31 15.45 8.77
N MET B 137 3.79 14.21 8.65
CA MET B 137 3.89 13.44 7.43
C MET B 137 2.58 12.78 7.06
N GLY B 138 1.51 13.08 7.78
CA GLY B 138 0.30 12.26 7.69
C GLY B 138 -0.27 12.22 6.29
N GLY B 139 -0.29 13.38 5.62
CA GLY B 139 -0.85 13.45 4.27
C GLY B 139 -0.12 12.57 3.29
N ALA B 140 1.16 12.35 3.52
CA ALA B 140 1.96 11.59 2.57
C ALA B 140 1.48 10.16 2.44
N SER B 141 0.78 9.63 3.45
CA SER B 141 0.33 8.25 3.35
C SER B 141 -0.57 8.05 2.15
N ARG B 142 -1.26 9.12 1.71
CA ARG B 142 -2.16 9.02 0.58
C ARG B 142 -1.42 8.74 -0.72
N LEU B 143 -0.10 8.95 -0.76
CA LEU B 143 0.68 8.50 -1.91
C LEU B 143 0.48 7.01 -2.15
N VAL B 144 0.26 6.22 -1.11
CA VAL B 144 0.15 4.78 -1.32
C VAL B 144 -1.11 4.48 -2.13
N PRO B 145 -2.32 4.85 -1.68
CA PRO B 145 -3.49 4.57 -2.54
C PRO B 145 -3.49 5.35 -3.85
N ALA B 146 -2.99 6.59 -3.86
CA ALA B 146 -3.05 7.36 -5.09
C ALA B 146 -2.16 6.75 -6.17
N LEU B 147 -0.98 6.26 -5.80
CA LEU B 147 -0.13 5.61 -6.79
C LEU B 147 -0.50 4.15 -7.04
N ALA B 148 -1.08 3.47 -6.06
CA ALA B 148 -1.57 2.09 -6.29
C ALA B 148 -2.58 2.05 -7.42
N ALA B 149 -3.38 3.11 -7.58
CA ALA B 149 -4.37 3.18 -8.63
C ALA B 149 -3.79 3.10 -10.00
N MET B 150 -2.49 3.37 -10.16
CA MET B 150 -1.82 3.35 -11.43
C MET B 150 -1.19 2.01 -11.73
N SER B 151 -1.49 1.00 -10.94
CA SER B 151 -0.91 -0.33 -11.17
C SER B 151 -1.25 -0.87 -12.55
N ASP B 152 -2.54 -0.83 -12.94
CA ASP B 152 -2.91 -1.38 -14.24
C ASP B 152 -2.19 -0.62 -15.36
N ALA B 153 -2.09 0.69 -15.22
CA ALA B 153 -1.40 1.46 -16.24
C ALA B 153 0.07 1.08 -16.31
N LEU B 154 0.71 0.81 -15.18
CA LEU B 154 2.12 0.43 -15.23
C LEU B 154 2.31 -0.99 -15.77
N VAL B 155 1.40 -1.93 -15.49
CA VAL B 155 1.48 -3.25 -16.13
C VAL B 155 1.54 -3.08 -17.65
N GLU B 156 0.63 -2.28 -18.20
CA GLU B 156 0.67 -2.01 -19.64
C GLU B 156 1.97 -1.34 -20.06
N ALA B 157 2.43 -0.32 -19.30
CA ALA B 157 3.65 0.38 -19.67
C ALA B 157 4.87 -0.53 -19.65
N PHE B 158 4.96 -1.45 -18.69
CA PHE B 158 6.07 -2.40 -18.69
C PHE B 158 6.06 -3.23 -19.97
N ARG B 159 4.86 -3.54 -20.47
CA ARG B 159 4.75 -4.42 -21.64
C ARG B 159 5.00 -3.66 -22.94
N THR B 160 4.61 -2.38 -23.02
CA THR B 160 4.74 -1.63 -24.28
C THR B 160 5.92 -0.67 -24.33
N GLY B 161 6.46 -0.27 -23.19
CA GLY B 161 7.46 0.75 -23.15
C GLY B 161 6.92 2.16 -23.19
N ALA B 162 5.62 2.35 -23.25
CA ALA B 162 5.08 3.69 -23.27
C ALA B 162 5.22 4.37 -21.92
N GLY B 163 5.19 5.69 -21.97
CA GLY B 163 5.03 6.46 -20.76
C GLY B 163 3.58 6.49 -20.32
N VAL B 164 3.36 7.16 -19.20
CA VAL B 164 2.02 7.44 -18.66
C VAL B 164 1.96 8.94 -18.42
N PRO B 165 1.21 9.70 -19.23
CA PRO B 165 1.19 11.16 -19.05
C PRO B 165 0.74 11.57 -17.65
N GLN B 166 1.30 12.69 -17.16
CA GLN B 166 0.89 13.25 -15.88
C GLN B 166 -0.63 13.35 -15.76
N GLU B 167 -1.32 13.68 -16.86
CA GLU B 167 -2.75 13.91 -16.77
C GLU B 167 -3.56 12.65 -16.51
N ARG B 168 -2.95 11.46 -16.62
CA ARG B 168 -3.62 10.20 -16.32
C ARG B 168 -3.71 9.92 -14.83
N TYR B 169 -2.95 10.65 -13.97
CA TYR B 169 -2.88 10.31 -12.56
C TYR B 169 -4.08 10.88 -11.83
N PRO B 170 -4.50 10.24 -10.73
CA PRO B 170 -5.62 10.76 -9.95
C PRO B 170 -5.35 12.18 -9.45
N ALA B 171 -6.39 13.02 -9.44
CA ALA B 171 -6.24 14.34 -8.84
C ALA B 171 -5.75 14.23 -7.41
N ALA B 172 -6.16 13.18 -6.69
CA ALA B 172 -5.69 12.97 -5.32
C ALA B 172 -4.17 12.94 -5.22
N LEU B 173 -3.47 12.51 -6.26
CA LEU B 173 -2.01 12.55 -6.22
C LEU B 173 -1.49 13.98 -6.12
N TYR B 174 -1.97 14.86 -7.01
CA TYR B 174 -1.48 16.24 -7.01
C TYR B 174 -1.97 16.97 -5.79
N ARG B 175 -3.20 16.70 -5.34
CA ARG B 175 -3.69 17.32 -4.10
C ARG B 175 -2.84 16.92 -2.91
N THR B 176 -2.41 15.66 -2.86
CA THR B 176 -1.51 15.23 -1.79
C THR B 176 -0.17 15.94 -1.90
N MET B 177 0.36 16.08 -3.11
CA MET B 177 1.60 16.81 -3.27
C MET B 177 1.46 18.23 -2.75
N TRP B 178 0.37 18.91 -3.11
CA TRP B 178 0.17 20.29 -2.64
C TRP B 178 0.07 20.32 -1.12
N GLN B 179 -0.67 19.38 -0.54
CA GLN B 179 -0.86 19.31 0.90
C GLN B 179 0.49 19.19 1.61
N MET B 180 1.31 18.28 1.15
CA MET B 180 2.55 18.05 1.88
C MET B 180 3.53 19.18 1.66
N SER B 181 3.55 19.76 0.45
CA SER B 181 4.42 20.91 0.20
C SER B 181 4.02 22.07 1.09
N SER B 182 2.71 22.36 1.17
CA SER B 182 2.21 23.47 1.98
C SER B 182 2.66 23.34 3.43
N SER B 183 2.65 22.12 3.96
CA SER B 183 2.99 21.95 5.37
C SER B 183 4.45 22.30 5.64
N TRP B 184 5.40 21.76 4.86
CA TRP B 184 6.78 22.09 5.21
C TRP B 184 7.18 23.46 4.68
N LEU B 185 6.58 23.95 3.61
CA LEU B 185 6.89 25.33 3.22
C LEU B 185 6.46 26.29 4.31
N ASN B 186 5.27 26.08 4.86
CA ASN B 186 4.79 26.99 5.92
C ASN B 186 5.70 26.95 7.13
N THR B 187 6.23 25.77 7.48
CA THR B 187 7.11 25.63 8.63
C THR B 187 8.50 26.20 8.37
N LEU B 188 9.01 26.07 7.15
CA LEU B 188 10.44 26.21 6.91
C LEU B 188 10.83 27.41 6.06
N LEU B 189 10.07 27.78 5.03
CA LEU B 189 10.61 28.69 4.03
C LEU B 189 10.93 30.06 4.64
N LEU B 190 9.94 30.71 5.22
CA LEU B 190 10.16 32.03 5.81
C LEU B 190 10.80 31.94 7.19
N PRO B 191 10.44 30.95 8.03
CA PRO B 191 10.99 30.92 9.39
C PRO B 191 12.42 30.42 9.48
N GLN B 192 12.87 29.60 8.53
CA GLN B 192 14.14 28.87 8.66
C GLN B 192 15.04 29.05 7.45
N TRP B 193 14.55 28.77 6.26
CA TRP B 193 15.46 28.75 5.10
C TRP B 193 15.94 30.16 4.73
N ILE B 194 15.02 31.10 4.53
CA ILE B 194 15.43 32.43 4.05
C ILE B 194 16.35 33.08 5.06
N PRO B 195 16.07 33.08 6.37
CA PRO B 195 17.01 33.71 7.30
C PRO B 195 18.36 33.02 7.35
N ALA B 196 18.43 31.72 7.02
CA ALA B 196 19.69 30.96 7.08
C ALA B 196 20.63 31.29 5.93
N ILE B 197 20.13 31.94 4.88
CA ILE B 197 20.88 32.15 3.65
C ILE B 197 21.46 33.55 3.70
N ASP B 198 22.77 33.66 3.73
CA ASP B 198 23.41 34.92 4.04
C ASP B 198 22.99 36.01 3.05
N GLY B 199 22.45 37.11 3.57
CA GLY B 199 22.09 38.27 2.80
C GLY B 199 20.79 38.20 2.03
N LEU B 200 20.10 37.06 2.06
CA LEU B 200 18.96 36.88 1.15
C LEU B 200 17.77 37.76 1.54
N ALA B 201 17.43 37.79 2.83
CA ALA B 201 16.27 38.57 3.25
C ALA B 201 16.41 40.02 2.82
N LYS B 202 17.61 40.60 2.99
CA LYS B 202 17.81 41.99 2.63
C LYS B 202 17.63 42.21 1.13
N ARG B 203 18.13 41.29 0.30
CA ARG B 203 17.96 41.43 -1.14
C ARG B 203 16.49 41.31 -1.54
N LEU B 204 15.74 40.44 -0.86
CA LEU B 204 14.33 40.30 -1.21
C LEU B 204 13.51 41.51 -0.73
N GLU B 205 13.89 42.09 0.41
CA GLU B 205 13.21 43.29 0.90
C GLU B 205 13.38 44.43 -0.10
N SER B 206 14.60 44.61 -0.63
CA SER B 206 14.81 45.64 -1.62
C SER B 206 14.08 45.33 -2.91
N GLY B 207 14.02 44.06 -3.29
CA GLY B 207 13.24 43.66 -4.43
C GLY B 207 14.06 43.16 -5.60
N ALA B 208 13.75 41.96 -6.06
CA ALA B 208 14.41 41.39 -7.24
C ALA B 208 13.53 40.25 -7.75
N PRO B 209 13.75 39.83 -8.99
CA PRO B 209 13.00 38.68 -9.51
C PRO B 209 13.25 37.41 -8.70
N VAL B 210 12.19 36.64 -8.55
CA VAL B 210 12.19 35.35 -7.87
C VAL B 210 11.51 34.37 -8.81
N ALA B 211 12.06 33.17 -8.94
CA ALA B 211 11.49 32.15 -9.79
C ALA B 211 11.36 30.83 -9.05
N HIS B 212 10.36 30.05 -9.44
CA HIS B 212 10.12 28.72 -8.88
C HIS B 212 9.95 27.76 -10.04
N VAL B 213 10.95 26.90 -10.24
CA VAL B 213 10.95 25.84 -11.24
C VAL B 213 10.13 24.68 -10.69
N GLY B 214 9.06 24.31 -11.39
CA GLY B 214 8.12 23.36 -10.87
C GLY B 214 7.28 23.94 -9.75
N SER B 215 6.52 25.01 -10.03
CA SER B 215 5.88 25.78 -8.96
C SER B 215 4.73 25.03 -8.29
N GLY B 216 4.25 23.94 -8.89
CA GLY B 216 3.30 23.07 -8.19
C GLY B 216 2.05 23.82 -7.78
N GLY B 217 1.69 23.68 -6.51
CA GLY B 217 0.50 24.30 -5.98
C GLY B 217 0.60 25.80 -5.75
N GLY B 218 1.81 26.38 -5.90
CA GLY B 218 2.00 27.81 -5.80
C GLY B 218 2.20 28.37 -4.40
N ARG B 219 2.28 27.54 -3.37
CA ARG B 219 2.39 28.08 -2.02
C ARG B 219 3.69 28.85 -1.79
N ALA B 220 4.81 28.37 -2.33
CA ALA B 220 6.09 29.03 -2.08
C ALA B 220 6.07 30.45 -2.63
N LEU B 221 5.51 30.64 -3.83
CA LEU B 221 5.46 31.97 -4.40
C LEU B 221 4.47 32.88 -3.69
N VAL B 222 3.36 32.34 -3.20
CA VAL B 222 2.46 33.17 -2.40
C VAL B 222 3.14 33.61 -1.10
N LEU B 223 3.81 32.69 -0.41
CA LEU B 223 4.50 33.07 0.81
C LEU B 223 5.51 34.19 0.57
N LEU B 224 6.28 34.10 -0.50
CA LEU B 224 7.30 35.12 -0.74
C LEU B 224 6.67 36.43 -1.21
N ALA B 225 5.63 36.35 -2.05
CA ALA B 225 5.00 37.57 -2.53
C ALA B 225 4.35 38.35 -1.39
N GLN B 226 3.74 37.65 -0.43
CA GLN B 226 3.21 38.32 0.75
C GLN B 226 4.30 38.99 1.55
N ALA B 227 5.40 38.27 1.79
CA ALA B 227 6.46 38.71 2.71
C ALA B 227 7.38 39.74 2.10
N PHE B 228 7.55 39.72 0.77
CA PHE B 228 8.54 40.54 0.09
C PHE B 228 7.87 41.13 -1.14
N PRO B 229 7.02 42.15 -0.95
CA PRO B 229 6.15 42.61 -2.06
C PRO B 229 6.87 43.38 -3.15
N ASN B 230 8.13 43.71 -2.98
CA ASN B 230 8.88 44.37 -4.04
C ASN B 230 9.45 43.39 -5.05
N CYS B 231 9.25 42.09 -4.86
CA CYS B 231 9.78 41.08 -5.77
C CYS B 231 8.77 40.76 -6.86
N ARG B 232 9.27 40.49 -8.05
CA ARG B 232 8.49 39.98 -9.18
C ARG B 232 8.67 38.46 -9.18
N CYS B 233 7.60 37.72 -8.90
CA CYS B 233 7.68 36.28 -8.76
C CYS B 233 7.10 35.56 -9.96
N THR B 234 7.81 34.55 -10.46
CA THR B 234 7.34 33.76 -11.60
C THR B 234 7.49 32.28 -11.31
N GLY B 235 6.41 31.53 -11.52
CA GLY B 235 6.43 30.09 -11.44
C GLY B 235 6.39 29.47 -12.82
N TYR B 236 7.03 28.32 -12.95
CA TYR B 236 7.04 27.52 -14.17
C TYR B 236 6.55 26.13 -13.83
N ASP B 237 5.57 25.61 -14.57
CA ASP B 237 5.15 24.22 -14.34
C ASP B 237 4.61 23.66 -15.65
N ARG B 238 4.98 22.42 -15.96
CA ARG B 238 4.51 21.79 -17.18
C ARG B 238 3.08 21.28 -17.07
N LEU B 239 2.53 21.12 -15.87
CA LEU B 239 1.22 20.51 -15.67
C LEU B 239 0.16 21.59 -15.52
N ARG B 240 -0.81 21.60 -16.44
CA ARG B 240 -1.84 22.62 -16.42
C ARG B 240 -2.57 22.69 -15.09
N LEU B 241 -2.91 21.54 -14.51
CA LEU B 241 -3.58 21.54 -13.22
C LEU B 241 -2.79 22.36 -12.19
N ASN B 242 -1.46 22.18 -12.16
CA ASN B 242 -0.63 22.96 -11.25
C ASN B 242 -0.61 24.45 -11.61
N VAL B 243 -0.50 24.76 -12.91
CA VAL B 243 -0.50 26.16 -13.34
C VAL B 243 -1.75 26.85 -12.81
N GLU B 244 -2.91 26.26 -13.08
CA GLU B 244 -4.15 26.94 -12.70
C GLU B 244 -4.35 26.95 -11.19
N ARG B 245 -3.89 25.92 -10.47
CA ARG B 245 -4.00 25.95 -9.01
C ARG B 245 -3.14 27.06 -8.44
N ALA B 246 -1.90 27.20 -8.95
CA ALA B 246 -1.01 28.22 -8.42
C ALA B 246 -1.58 29.61 -8.70
N ARG B 247 -2.17 29.80 -9.89
CA ARG B 247 -2.81 31.08 -10.17
C ARG B 247 -3.96 31.34 -9.21
N GLN B 248 -4.76 30.32 -8.91
CA GLN B 248 -5.88 30.51 -8.01
C GLN B 248 -5.42 30.82 -6.59
N GLU B 249 -4.32 30.18 -6.16
CA GLU B 249 -3.81 30.45 -4.82
C GLU B 249 -3.32 31.88 -4.71
N ALA B 250 -2.67 32.37 -5.74
CA ALA B 250 -2.23 33.76 -5.74
C ALA B 250 -3.42 34.70 -5.74
N ALA B 251 -4.44 34.39 -6.51
CA ALA B 251 -5.63 35.24 -6.56
C ALA B 251 -6.32 35.27 -5.22
N ASP B 252 -6.43 34.09 -4.58
CA ASP B 252 -7.09 34.00 -3.28
C ASP B 252 -6.35 34.82 -2.23
N ALA B 253 -5.02 34.93 -2.37
CA ALA B 253 -4.20 35.64 -1.38
C ALA B 253 -4.08 37.13 -1.69
N GLY B 254 -4.55 37.58 -2.85
CA GLY B 254 -4.45 38.98 -3.20
C GLY B 254 -3.13 39.39 -3.77
N VAL B 255 -2.36 38.47 -4.34
CA VAL B 255 -1.01 38.76 -4.81
C VAL B 255 -0.81 38.49 -6.31
N THR B 256 -1.89 38.43 -7.10
CA THR B 256 -1.74 38.22 -8.53
C THR B 256 -0.84 39.27 -9.16
N ASP B 257 -0.83 40.50 -8.64
CA ASP B 257 0.00 41.55 -9.21
C ASP B 257 1.50 41.24 -9.10
N ARG B 258 1.89 40.32 -8.22
CA ARG B 258 3.29 39.95 -8.00
C ARG B 258 3.64 38.54 -8.46
N VAL B 259 2.64 37.69 -8.76
CA VAL B 259 2.87 36.30 -9.08
C VAL B 259 2.31 35.99 -10.47
N GLU B 260 3.20 35.61 -11.39
CA GLU B 260 2.87 35.11 -12.72
C GLU B 260 3.23 33.63 -12.76
N ILE B 261 2.36 32.81 -13.36
CA ILE B 261 2.66 31.41 -13.62
C ILE B 261 2.73 31.18 -15.13
N VAL B 262 3.76 30.45 -15.55
CA VAL B 262 4.03 30.13 -16.96
C VAL B 262 3.88 28.63 -17.14
N GLU B 263 3.10 28.21 -18.13
CA GLU B 263 2.95 26.79 -18.41
C GLU B 263 4.06 26.35 -19.36
N GLY B 264 4.85 25.39 -18.92
CA GLY B 264 5.90 24.85 -19.77
C GLY B 264 7.13 24.51 -18.96
N ASP B 265 8.25 24.32 -19.66
CA ASP B 265 9.50 23.88 -19.06
C ASP B 265 10.41 25.08 -18.82
N ALA B 266 10.84 25.25 -17.58
CA ALA B 266 11.69 26.38 -17.24
C ALA B 266 12.97 26.41 -18.04
N GLU B 267 13.50 25.25 -18.42
CA GLU B 267 14.74 25.28 -19.20
C GLU B 267 14.58 26.16 -20.44
N ARG B 268 13.40 26.14 -21.05
CA ARG B 268 13.17 26.90 -22.26
C ARG B 268 12.66 28.30 -22.00
N LEU B 269 12.01 28.53 -20.87
CA LEU B 269 11.24 29.75 -20.65
C LEU B 269 11.82 30.68 -19.60
N LEU B 270 12.74 30.22 -18.76
CA LEU B 270 13.33 31.05 -17.73
C LEU B 270 14.31 32.04 -18.34
N PRO B 271 14.08 33.34 -18.25
CA PRO B 271 14.94 34.29 -18.98
C PRO B 271 16.33 34.40 -18.37
N ALA B 272 17.29 34.72 -19.24
CA ALA B 272 18.68 34.87 -18.81
C ALA B 272 18.97 36.35 -18.52
N THR B 273 18.36 36.84 -17.45
CA THR B 273 18.46 38.26 -17.13
C THR B 273 19.42 38.57 -15.98
N GLY B 274 20.07 37.56 -15.41
CA GLY B 274 21.16 37.78 -14.48
C GLY B 274 20.80 38.63 -13.27
N ASP B 275 19.54 38.57 -12.82
CA ASP B 275 19.05 39.44 -11.78
C ASP B 275 18.19 38.75 -10.74
N HIS B 276 17.94 37.45 -10.87
CA HIS B 276 17.10 36.77 -9.89
C HIS B 276 17.85 36.63 -8.57
N ALA B 277 17.24 37.07 -7.49
CA ALA B 277 17.80 36.90 -6.17
C ALA B 277 17.63 35.48 -5.68
N LEU B 278 16.59 34.79 -6.16
CA LEU B 278 16.25 33.46 -5.65
C LEU B 278 15.56 32.67 -6.75
N VAL B 279 16.01 31.44 -6.98
CA VAL B 279 15.34 30.46 -7.83
C VAL B 279 15.16 29.21 -7.00
N MET B 280 13.94 28.70 -6.91
CA MET B 280 13.64 27.51 -6.12
C MET B 280 13.32 26.34 -7.05
N CYS B 281 13.72 25.14 -6.64
CA CYS B 281 13.30 23.95 -7.36
C CYS B 281 13.22 22.80 -6.37
N PHE B 282 12.00 22.34 -6.09
CA PHE B 282 11.76 21.35 -5.05
C PHE B 282 11.20 20.06 -5.66
N ASP B 283 11.99 18.99 -5.61
CA ASP B 283 11.53 17.63 -5.94
C ASP B 283 11.17 17.44 -7.40
N VAL B 284 11.76 18.21 -8.33
CA VAL B 284 11.37 18.03 -9.72
C VAL B 284 12.49 18.14 -10.75
N LEU B 285 13.69 18.59 -10.33
CA LEU B 285 14.79 18.66 -11.28
C LEU B 285 15.05 17.29 -11.91
N HIS B 286 14.92 16.22 -11.12
CA HIS B 286 15.23 14.88 -11.60
C HIS B 286 14.29 14.43 -12.71
N ASP B 287 13.19 15.13 -12.90
CA ASP B 287 12.25 14.77 -13.95
C ASP B 287 12.53 15.49 -15.26
N ALA B 288 13.40 16.48 -15.25
CA ALA B 288 13.59 17.31 -16.43
C ALA B 288 14.21 16.53 -17.58
N PRO B 289 13.85 16.86 -18.82
CA PRO B 289 14.42 16.14 -19.96
C PRO B 289 15.92 16.32 -20.08
N ASP B 290 16.45 17.49 -19.70
CA ASP B 290 17.88 17.77 -19.78
C ASP B 290 18.25 18.55 -18.52
N PRO B 291 18.57 17.84 -17.43
CA PRO B 291 18.87 18.55 -16.18
C PRO B 291 19.99 19.55 -16.33
N ALA B 292 21.04 19.21 -17.07
CA ALA B 292 22.14 20.14 -17.27
C ALA B 292 21.64 21.42 -17.94
N ALA B 293 20.74 21.27 -18.92
CA ALA B 293 20.17 22.43 -19.57
C ALA B 293 19.35 23.26 -18.59
N ALA B 294 18.57 22.61 -17.73
CA ALA B 294 17.77 23.32 -16.75
C ALA B 294 18.67 24.11 -15.80
N LEU B 295 19.77 23.50 -15.36
CA LEU B 295 20.70 24.19 -14.48
C LEU B 295 21.38 25.34 -15.22
N ARG B 296 21.66 25.15 -16.51
CA ARG B 296 22.21 26.24 -17.29
C ARG B 296 21.24 27.42 -17.34
N ALA B 297 19.94 27.13 -17.45
CA ALA B 297 18.96 28.20 -17.46
C ALA B 297 18.88 28.90 -16.11
N VAL B 298 18.97 28.13 -15.01
CA VAL B 298 19.03 28.77 -13.70
C VAL B 298 20.25 29.68 -13.59
N ARG B 299 21.41 29.22 -14.07
CA ARG B 299 22.61 30.03 -13.93
C ARG B 299 22.46 31.36 -14.68
N GLY B 300 21.81 31.32 -15.85
CA GLY B 300 21.57 32.55 -16.57
C GLY B 300 20.62 33.49 -15.87
N ALA B 301 19.66 32.95 -15.12
CA ALA B 301 18.70 33.84 -14.48
C ALA B 301 19.25 34.48 -13.21
N LEU B 302 20.19 33.83 -12.52
CA LEU B 302 20.57 34.28 -11.19
C LEU B 302 21.40 35.55 -11.24
N ALA B 303 21.20 36.41 -10.22
CA ALA B 303 22.12 37.49 -9.91
C ALA B 303 23.46 36.88 -9.49
N PRO B 304 24.53 37.66 -9.49
CA PRO B 304 25.83 37.08 -9.11
C PRO B 304 25.86 36.58 -7.70
N ASP B 305 25.09 37.19 -6.79
CA ASP B 305 24.91 36.70 -5.43
C ASP B 305 23.53 36.06 -5.27
N GLY B 306 22.91 35.69 -6.37
CA GLY B 306 21.63 35.01 -6.29
C GLY B 306 21.76 33.59 -5.78
N VAL B 307 20.64 33.07 -5.30
CA VAL B 307 20.61 31.78 -4.62
C VAL B 307 19.67 30.84 -5.36
N PHE B 308 20.15 29.63 -5.64
CA PHE B 308 19.35 28.51 -6.15
C PHE B 308 19.13 27.56 -4.99
N LEU B 309 17.88 27.43 -4.56
CA LEU B 309 17.50 26.55 -3.47
C LEU B 309 16.92 25.29 -4.09
N LEU B 310 17.61 24.17 -3.92
CA LEU B 310 17.29 22.91 -4.59
C LEU B 310 16.98 21.85 -3.55
N LEU B 311 15.85 21.17 -3.70
CA LEU B 311 15.51 20.01 -2.88
C LEU B 311 15.49 18.80 -3.80
N GLU B 312 16.29 17.77 -3.49
CA GLU B 312 16.31 16.53 -4.24
C GLU B 312 16.38 15.37 -3.25
N SER B 313 16.24 14.14 -3.75
CA SER B 313 16.31 12.98 -2.87
C SER B 313 17.76 12.71 -2.42
N ASN B 314 17.91 11.94 -1.33
CA ASN B 314 19.21 11.76 -0.70
C ASN B 314 19.85 10.38 -0.74
N GLY B 315 19.92 9.79 -1.91
CA GLY B 315 20.42 8.44 -2.05
C GLY B 315 21.91 8.37 -2.35
N ALA B 316 22.33 7.16 -2.68
CA ALA B 316 23.72 6.86 -3.02
C ALA B 316 24.08 7.36 -4.42
N ASP B 317 25.36 7.61 -4.64
CA ASP B 317 25.79 8.03 -5.97
C ASP B 317 25.64 6.90 -6.99
N ARG B 318 25.80 5.65 -6.57
CA ARG B 318 25.57 4.51 -7.44
C ARG B 318 24.19 3.95 -7.12
N PRO B 319 23.25 3.87 -8.08
CA PRO B 319 21.91 3.36 -7.75
C PRO B 319 21.88 2.05 -6.98
N ALA B 320 22.71 1.07 -7.35
CA ALA B 320 22.70 -0.23 -6.70
C ALA B 320 23.22 -0.20 -5.26
N ASP B 321 23.84 0.90 -4.82
CA ASP B 321 24.27 1.02 -3.44
C ASP B 321 23.15 1.53 -2.53
N ASN B 322 21.99 1.87 -3.07
CA ASN B 322 20.90 2.34 -2.24
C ASN B 322 20.36 1.22 -1.36
N SER B 323 19.93 1.60 -0.16
CA SER B 323 19.47 0.58 0.79
C SER B 323 18.57 1.23 1.83
N GLY B 324 17.51 0.54 2.19
CA GLY B 324 16.67 0.97 3.30
C GLY B 324 15.28 1.36 2.86
N SER B 325 14.42 1.60 3.86
CA SER B 325 13.01 1.81 3.59
C SER B 325 12.76 3.12 2.83
N ALA B 326 13.53 4.17 3.07
CA ALA B 326 13.34 5.41 2.35
C ALA B 326 13.62 5.20 0.86
N ALA B 327 14.75 4.57 0.54
CA ALA B 327 15.08 4.30 -0.85
C ALA B 327 14.04 3.40 -1.50
N ALA B 328 13.58 2.37 -0.77
CA ALA B 328 12.59 1.47 -1.35
C ALA B 328 11.30 2.21 -1.63
N MET B 329 10.86 3.05 -0.69
CA MET B 329 9.64 3.81 -0.89
C MET B 329 9.77 4.71 -2.11
N LEU B 330 10.90 5.41 -2.22
CA LEU B 330 11.07 6.37 -3.30
C LEU B 330 11.22 5.68 -4.65
N TYR B 331 11.91 4.55 -4.71
CA TYR B 331 11.99 3.82 -5.97
C TYR B 331 10.61 3.28 -6.38
N GLY B 332 9.79 2.88 -5.42
CA GLY B 332 8.44 2.43 -5.78
C GLY B 332 7.61 3.55 -6.36
N ALA B 333 7.72 4.75 -5.79
CA ALA B 333 7.02 5.90 -6.33
C ALA B 333 7.62 6.29 -7.65
N SER B 334 8.91 6.02 -7.84
CA SER B 334 9.58 6.32 -9.09
C SER B 334 9.06 5.44 -10.23
N VAL B 335 8.83 4.15 -9.95
CA VAL B 335 8.23 3.26 -10.93
C VAL B 335 6.84 3.75 -11.30
N LEU B 336 6.04 4.10 -10.28
CA LEU B 336 4.63 4.38 -10.51
C LEU B 336 4.39 5.76 -11.12
N TYR B 337 5.28 6.73 -10.85
CA TYR B 337 5.07 8.11 -11.30
C TYR B 337 6.28 8.73 -12.00
N SER B 338 7.40 8.88 -11.31
CA SER B 338 8.46 9.75 -11.83
C SER B 338 8.94 9.28 -13.19
N VAL B 339 9.29 8.00 -13.31
CA VAL B 339 9.80 7.50 -14.57
C VAL B 339 8.72 7.51 -15.65
N PRO B 340 7.54 6.90 -15.46
CA PRO B 340 6.59 6.88 -16.59
C PRO B 340 6.12 8.25 -17.03
N ALA B 341 5.93 9.18 -16.07
CA ALA B 341 5.43 10.50 -16.45
C ALA B 341 6.51 11.29 -17.18
N SER B 342 7.77 11.08 -16.85
CA SER B 342 8.83 11.78 -17.59
C SER B 342 9.02 11.20 -18.97
N ARG B 343 8.91 9.89 -19.11
CA ARG B 343 8.97 9.27 -20.43
C ARG B 343 7.85 9.79 -21.32
N ALA B 344 6.64 9.91 -20.79
CA ALA B 344 5.52 10.37 -21.61
C ALA B 344 5.76 11.77 -22.15
N ALA B 345 6.53 12.59 -21.43
CA ALA B 345 6.91 13.91 -21.91
C ALA B 345 8.22 13.89 -22.68
N GLY B 346 8.74 12.71 -23.00
CA GLY B 346 10.02 12.61 -23.69
C GLY B 346 11.22 13.04 -22.85
N GLY B 347 11.09 13.05 -21.53
CA GLY B 347 12.17 13.46 -20.65
C GLY B 347 13.20 12.36 -20.41
N ALA B 348 14.24 12.74 -19.66
CA ALA B 348 15.36 11.84 -19.40
C ALA B 348 15.00 10.70 -18.46
N ALA B 349 13.87 10.80 -17.76
CA ALA B 349 13.34 9.74 -16.91
C ALA B 349 14.41 9.20 -15.95
N LEU B 350 15.17 10.11 -15.34
CA LEU B 350 16.14 9.69 -14.33
C LEU B 350 15.47 9.06 -13.12
N GLY B 351 14.24 9.44 -12.84
CA GLY B 351 13.49 8.91 -11.72
C GLY B 351 13.77 9.64 -10.43
N LEU B 352 13.00 9.28 -9.40
CA LEU B 352 12.97 10.05 -8.16
C LEU B 352 14.31 9.99 -7.43
N MET B 353 15.09 8.92 -7.62
CA MET B 353 16.39 8.75 -6.98
C MET B 353 17.53 9.17 -7.91
N GLY B 354 17.21 9.79 -9.05
CA GLY B 354 18.19 9.95 -10.12
C GLY B 354 19.16 11.12 -9.99
N LEU B 355 18.99 11.99 -9.00
CA LEU B 355 19.92 13.11 -8.78
C LEU B 355 20.43 13.10 -7.35
N PRO B 356 21.24 12.10 -6.98
CA PRO B 356 21.85 12.10 -5.66
C PRO B 356 22.90 13.19 -5.54
N PRO B 357 23.39 13.44 -4.33
CA PRO B 357 24.32 14.56 -4.15
C PRO B 357 25.51 14.58 -5.09
N GLY B 358 26.15 13.45 -5.33
CA GLY B 358 27.32 13.48 -6.20
C GLY B 358 26.97 13.95 -7.58
N LYS B 359 25.77 13.63 -8.06
CA LYS B 359 25.34 14.01 -9.38
C LYS B 359 24.91 15.48 -9.40
N VAL B 360 24.21 15.94 -8.36
CA VAL B 360 23.91 17.35 -8.22
C VAL B 360 25.21 18.16 -8.29
N ARG B 361 26.23 17.75 -7.53
CA ARG B 361 27.45 18.54 -7.49
C ARG B 361 28.15 18.51 -8.83
N ALA B 362 28.16 17.37 -9.53
CA ALA B 362 28.82 17.30 -10.81
C ALA B 362 28.10 18.17 -11.83
N LEU B 363 26.77 18.10 -11.88
CA LEU B 363 26.00 18.88 -12.85
C LEU B 363 26.13 20.37 -12.56
N CYS B 364 26.11 20.76 -11.28
CA CYS B 364 26.25 22.17 -10.93
C CYS B 364 27.63 22.71 -11.34
N ALA B 365 28.69 21.96 -11.02
CA ALA B 365 30.03 22.41 -11.39
C ALA B 365 30.12 22.63 -12.88
N GLU B 366 29.48 21.76 -13.66
CA GLU B 366 29.56 21.87 -15.12
C GLU B 366 28.79 23.08 -15.60
N ALA B 367 27.66 23.38 -14.97
CA ALA B 367 26.79 24.47 -15.40
C ALA B 367 27.26 25.82 -14.89
N GLY B 368 28.36 25.87 -14.15
CA GLY B 368 28.86 27.12 -13.62
C GLY B 368 28.28 27.54 -12.30
N LEU B 369 27.63 26.64 -11.57
CA LEU B 369 27.12 26.93 -10.24
C LEU B 369 28.16 26.39 -9.26
N ARG B 370 29.11 27.25 -8.85
CA ARG B 370 30.34 26.74 -8.24
C ARG B 370 30.19 26.40 -6.76
N SER B 371 29.26 27.04 -6.07
CA SER B 371 29.13 26.95 -4.63
C SER B 371 27.91 26.09 -4.35
N VAL B 372 28.13 24.89 -3.84
CA VAL B 372 27.05 23.95 -3.51
C VAL B 372 27.19 23.62 -2.04
N LYS B 373 26.24 24.05 -1.23
CA LYS B 373 26.24 23.76 0.20
C LYS B 373 24.96 23.05 0.60
N ARG B 374 25.05 22.09 1.50
CA ARG B 374 23.88 21.47 2.08
C ARG B 374 23.29 22.33 3.19
N LEU B 375 21.99 22.36 3.25
CA LEU B 375 21.24 22.90 4.38
C LEU B 375 20.48 21.77 5.08
N PRO B 376 20.04 21.98 6.31
CA PRO B 376 19.23 20.93 6.96
C PRO B 376 17.94 20.67 6.22
N SER B 377 17.66 19.38 5.94
CA SER B 377 16.56 19.04 5.06
C SER B 377 15.26 18.87 5.82
N PRO B 378 14.12 19.07 5.17
CA PRO B 378 12.84 18.88 5.85
C PRO B 378 12.60 17.45 6.26
N THR B 379 13.12 16.49 5.51
CA THR B 379 12.93 15.07 5.73
C THR B 379 14.25 14.33 5.61
N PRO B 380 14.33 13.12 6.16
CA PRO B 380 15.47 12.25 5.81
C PRO B 380 15.47 11.88 4.34
N LEU B 381 14.29 11.89 3.72
CA LEU B 381 14.16 11.51 2.31
C LEU B 381 14.95 12.43 1.39
N ASN B 382 15.12 13.70 1.76
CA ASN B 382 15.61 14.72 0.86
C ASN B 382 16.96 15.28 1.29
N ALA B 383 17.67 15.85 0.31
CA ALA B 383 18.81 16.71 0.50
C ALA B 383 18.43 18.10 0.01
N LEU B 384 18.78 19.11 0.79
CA LEU B 384 18.53 20.52 0.47
C LEU B 384 19.85 21.24 0.23
N TYR B 385 19.90 22.02 -0.83
CA TYR B 385 21.12 22.71 -1.22
C TYR B 385 20.90 24.22 -1.33
N GLU B 386 21.89 24.99 -0.86
CA GLU B 386 22.04 26.40 -1.20
C GLU B 386 23.13 26.47 -2.27
N ILE B 387 22.77 26.87 -3.47
CA ILE B 387 23.65 26.84 -4.62
C ILE B 387 23.79 28.26 -5.16
N ARG B 388 25.03 28.65 -5.46
CA ARG B 388 25.32 30.00 -5.95
C ARG B 388 26.31 29.92 -7.10
N PRO B 389 26.27 30.89 -8.02
CA PRO B 389 27.15 30.92 -9.19
C PRO B 389 28.65 30.87 -8.86
#